data_7YHH
#
_entry.id   7YHH
#
loop_
_entity.id
_entity.type
_entity.pdbx_description
1 polymer 'Exoglucanase 1'
2 branched alpha-D-mannopyranose-(1-2)-alpha-D-mannopyranose
#
_entity_poly.entity_id   1
_entity_poly.type   'polypeptide(L)'
_entity_poly.pdbx_seq_one_letter_code
;TQCHYGQCGGIGYSGPTVCASGTTCQVLNPYYSQCL
;
_entity_poly.pdbx_strand_id   A
#
loop_
_chem_comp.id
_chem_comp.type
_chem_comp.name
_chem_comp.formula
MAN D-saccharide, alpha linking alpha-D-mannopyranose 'C6 H12 O6'
#
# COMPACT_ATOMS: atom_id res chain seq x y z
N THR A 1 -2.50 -6.96 7.39
CA THR A 1 -3.14 -5.80 6.81
C THR A 1 -2.15 -4.64 6.91
N GLN A 2 -2.24 -3.69 5.98
CA GLN A 2 -1.34 -2.57 5.99
C GLN A 2 -2.00 -1.40 6.72
N CYS A 3 -1.18 -0.58 7.35
CA CYS A 3 -1.67 0.55 8.09
C CYS A 3 -1.47 1.87 7.33
N HIS A 4 -1.94 2.95 7.92
CA HIS A 4 -1.86 4.27 7.30
C HIS A 4 -0.40 4.70 7.17
N TYR A 5 -0.03 5.11 5.95
CA TYR A 5 1.36 5.51 5.56
C TYR A 5 2.23 4.30 5.30
N GLY A 6 1.64 3.16 5.37
CA GLY A 6 2.36 1.97 5.09
C GLY A 6 2.33 1.67 3.62
N GLN A 7 3.18 0.80 3.19
CA GLN A 7 3.28 0.48 1.80
C GLN A 7 2.34 -0.66 1.46
N CYS A 8 1.32 -0.38 0.68
CA CYS A 8 0.44 -1.43 0.18
C CYS A 8 1.14 -2.16 -0.94
N GLY A 9 2.12 -1.49 -1.50
CA GLY A 9 2.99 -2.12 -2.43
C GLY A 9 2.63 -1.96 -3.85
N GLY A 10 3.64 -1.86 -4.65
CA GLY A 10 3.50 -1.80 -6.06
C GLY A 10 4.05 -3.08 -6.63
N ILE A 11 4.49 -3.02 -7.86
CA ILE A 11 5.04 -4.20 -8.53
C ILE A 11 6.24 -4.78 -7.75
N GLY A 12 6.04 -5.95 -7.20
CA GLY A 12 7.13 -6.63 -6.52
C GLY A 12 7.07 -6.56 -5.01
N TYR A 13 6.03 -5.98 -4.47
CA TYR A 13 5.89 -5.96 -3.03
C TYR A 13 4.97 -7.11 -2.60
N SER A 14 5.52 -8.06 -1.89
CA SER A 14 4.77 -9.24 -1.48
C SER A 14 4.33 -9.18 -0.01
N GLY A 15 4.40 -8.01 0.57
CA GLY A 15 4.02 -7.84 1.96
C GLY A 15 2.54 -7.53 2.13
N PRO A 16 2.16 -6.71 3.13
CA PRO A 16 0.77 -6.33 3.36
C PRO A 16 0.28 -5.41 2.26
N THR A 17 -0.36 -6.00 1.30
CA THR A 17 -0.85 -5.31 0.15
C THR A 17 -2.26 -4.75 0.36
N VAL A 18 -2.95 -5.30 1.32
CA VAL A 18 -4.29 -4.91 1.61
C VAL A 18 -4.28 -3.81 2.67
N CYS A 19 -4.73 -2.64 2.31
CA CYS A 19 -4.79 -1.53 3.24
C CYS A 19 -5.93 -1.72 4.21
N ALA A 20 -5.81 -1.13 5.37
CA ALA A 20 -6.85 -1.15 6.35
C ALA A 20 -8.06 -0.38 5.85
N SER A 21 -9.21 -0.76 6.33
CA SER A 21 -10.42 -0.07 5.98
C SER A 21 -10.36 1.37 6.48
N GLY A 22 -10.45 2.30 5.55
CA GLY A 22 -10.30 3.69 5.90
C GLY A 22 -9.03 4.26 5.33
N THR A 23 -8.24 3.42 4.67
CA THR A 23 -7.05 3.85 3.97
C THR A 23 -7.06 3.24 2.57
N THR A 24 -6.56 3.96 1.60
CA THR A 24 -6.59 3.50 0.22
C THR A 24 -5.18 3.27 -0.31
N CYS A 25 -5.03 2.27 -1.15
CA CYS A 25 -3.75 1.97 -1.74
C CYS A 25 -3.54 2.88 -2.94
N GLN A 26 -2.70 3.85 -2.79
CA GLN A 26 -2.46 4.79 -3.82
C GLN A 26 -1.08 4.59 -4.42
N VAL A 27 -1.04 4.44 -5.73
CA VAL A 27 0.18 4.24 -6.46
C VAL A 27 0.92 5.57 -6.55
N LEU A 28 2.00 5.67 -5.83
CA LEU A 28 2.79 6.88 -5.85
C LEU A 28 3.86 6.72 -6.90
N ASN A 29 4.40 5.53 -6.95
CA ASN A 29 5.38 5.11 -7.91
C ASN A 29 5.01 3.69 -8.30
N PRO A 30 5.52 3.12 -9.41
CA PRO A 30 5.10 1.79 -9.88
C PRO A 30 5.39 0.67 -8.87
N TYR A 31 6.37 0.86 -8.02
CA TYR A 31 6.72 -0.15 -7.06
C TYR A 31 6.31 0.31 -5.64
N TYR A 32 6.21 1.61 -5.44
CA TYR A 32 5.81 2.13 -4.17
C TYR A 32 4.37 2.62 -4.20
N SER A 33 3.54 1.97 -3.48
CA SER A 33 2.18 2.38 -3.34
C SER A 33 1.93 2.45 -1.84
N GLN A 34 1.25 3.47 -1.39
CA GLN A 34 1.07 3.70 0.05
C GLN A 34 -0.41 3.73 0.41
N CYS A 35 -0.71 3.31 1.62
CA CYS A 35 -2.06 3.35 2.11
C CYS A 35 -2.34 4.71 2.74
N LEU A 36 -3.06 5.52 2.01
CA LEU A 36 -3.48 6.80 2.46
C LEU A 36 -4.94 6.67 2.80
C1 MAN B . -3.20 -0.01 11.01
C2 MAN B . -3.95 -0.77 12.12
C3 MAN B . -5.42 -0.30 12.21
C4 MAN B . -5.49 1.15 11.83
C5 MAN B . -5.12 1.29 10.33
C6 MAN B . -4.55 2.65 9.96
O2 MAN B . -3.30 -0.59 13.40
O3 MAN B . -5.94 -0.44 13.53
O4 MAN B . -6.80 1.63 12.09
O5 MAN B . -4.13 0.29 9.96
O6 MAN B . -3.22 2.82 10.46
H1 MAN B . -2.89 0.97 11.42
H2 MAN B . -3.95 -1.84 11.85
H3 MAN B . -6.02 -0.87 11.50
H4 MAN B . -4.74 1.69 12.45
H5 MAN B . -6.06 1.12 9.77
H61 MAN B . -5.21 3.40 10.42
H62 MAN B . -4.59 2.78 8.87
HO3 MAN B . -6.83 -0.06 13.50
HO4 MAN B . -7.42 1.20 11.49
HO6 MAN B . -3.27 3.14 11.39
C1 MAN B . -3.45 -1.67 14.27
C2 MAN B . -2.80 -1.35 15.65
C3 MAN B . -1.29 -1.36 15.56
C4 MAN B . -0.82 -2.68 14.97
C5 MAN B . -1.45 -2.87 13.59
C6 MAN B . -1.05 -4.17 12.91
O2 MAN B . -3.16 -2.30 16.63
O3 MAN B . -0.75 -1.26 16.86
O4 MAN B . 0.59 -2.71 14.92
O5 MAN B . -2.89 -2.88 13.72
O6 MAN B . -1.72 -4.30 11.64
H1 MAN B . -4.52 -1.84 14.44
H2 MAN B . -3.11 -0.34 15.98
H3 MAN B . -0.93 -0.54 14.91
H4 MAN B . -1.19 -3.49 15.63
H5 MAN B . -1.18 -2.02 12.95
H61 MAN B . -1.33 -4.99 13.58
H62 MAN B . 0.04 -4.19 12.78
HO2 MAN B . -2.62 -2.07 17.39
HO3 MAN B . 0.19 -1.40 16.76
HO4 MAN B . 0.90 -2.00 14.34
HO6 MAN B . -2.60 -3.91 11.73
N THR A 1 -2.60 -6.95 7.06
CA THR A 1 -3.22 -5.71 6.69
C THR A 1 -2.21 -4.58 6.93
N GLN A 2 -2.16 -3.61 6.05
CA GLN A 2 -1.22 -2.51 6.16
C GLN A 2 -1.87 -1.36 6.93
N CYS A 3 -1.04 -0.55 7.55
CA CYS A 3 -1.48 0.56 8.35
C CYS A 3 -1.43 1.84 7.53
N HIS A 4 -1.93 2.91 8.07
CA HIS A 4 -1.97 4.18 7.40
C HIS A 4 -0.54 4.72 7.28
N TYR A 5 -0.18 5.13 6.05
CA TYR A 5 1.13 5.69 5.70
C TYR A 5 2.19 4.61 5.59
N GLY A 6 1.74 3.42 5.33
CA GLY A 6 2.67 2.34 5.08
C GLY A 6 2.53 1.83 3.66
N GLN A 7 3.51 1.08 3.20
CA GLN A 7 3.52 0.64 1.83
C GLN A 7 2.66 -0.60 1.63
N CYS A 8 1.62 -0.46 0.85
CA CYS A 8 0.80 -1.59 0.47
C CYS A 8 1.53 -2.36 -0.61
N GLY A 9 2.19 -1.65 -1.49
CA GLY A 9 3.03 -2.29 -2.44
C GLY A 9 2.65 -2.10 -3.87
N GLY A 10 3.66 -1.87 -4.65
CA GLY A 10 3.54 -1.77 -6.07
C GLY A 10 4.10 -3.02 -6.69
N ILE A 11 4.54 -2.89 -7.92
CA ILE A 11 5.15 -3.99 -8.68
C ILE A 11 6.27 -4.65 -7.85
N GLY A 12 6.15 -5.95 -7.64
CA GLY A 12 7.19 -6.70 -6.97
C GLY A 12 7.04 -6.79 -5.47
N TYR A 13 6.09 -6.08 -4.90
CA TYR A 13 5.90 -6.12 -3.46
C TYR A 13 4.78 -7.12 -3.12
N SER A 14 5.04 -8.00 -2.18
CA SER A 14 4.06 -8.99 -1.80
C SER A 14 3.84 -9.06 -0.28
N GLY A 15 4.12 -7.96 0.40
CA GLY A 15 3.94 -7.90 1.84
C GLY A 15 2.50 -7.53 2.22
N PRO A 16 2.30 -6.57 3.13
CA PRO A 16 0.96 -6.12 3.53
C PRO A 16 0.33 -5.27 2.43
N THR A 17 -0.30 -5.93 1.50
CA THR A 17 -0.87 -5.29 0.36
C THR A 17 -2.27 -4.73 0.66
N VAL A 18 -3.00 -5.37 1.54
CA VAL A 18 -4.34 -4.95 1.87
C VAL A 18 -4.29 -3.85 2.92
N CYS A 19 -4.74 -2.70 2.56
CA CYS A 19 -4.74 -1.56 3.46
C CYS A 19 -5.91 -1.65 4.42
N ALA A 20 -5.81 -0.93 5.52
CA ALA A 20 -6.88 -0.85 6.49
C ALA A 20 -8.09 -0.20 5.87
N SER A 21 -9.26 -0.58 6.32
CA SER A 21 -10.48 0.00 5.81
C SER A 21 -10.49 1.49 6.14
N GLY A 22 -10.63 2.30 5.13
CA GLY A 22 -10.59 3.72 5.31
C GLY A 22 -9.34 4.29 4.68
N THR A 23 -8.35 3.45 4.47
CA THR A 23 -7.14 3.87 3.83
C THR A 23 -7.09 3.22 2.47
N THR A 24 -6.57 3.91 1.51
CA THR A 24 -6.53 3.40 0.17
C THR A 24 -5.11 3.18 -0.33
N CYS A 25 -4.89 2.08 -0.97
CA CYS A 25 -3.60 1.75 -1.55
C CYS A 25 -3.43 2.60 -2.79
N GLN A 26 -2.67 3.63 -2.69
CA GLN A 26 -2.48 4.52 -3.79
C GLN A 26 -1.10 4.36 -4.38
N VAL A 27 -1.07 4.19 -5.66
CA VAL A 27 0.16 4.00 -6.41
C VAL A 27 0.88 5.34 -6.53
N LEU A 28 1.85 5.55 -5.69
CA LEU A 28 2.62 6.79 -5.71
C LEU A 28 3.70 6.66 -6.76
N ASN A 29 4.31 5.51 -6.77
CA ASN A 29 5.35 5.11 -7.69
C ASN A 29 4.94 3.76 -8.20
N PRO A 30 5.49 3.24 -9.31
CA PRO A 30 5.08 1.93 -9.82
C PRO A 30 5.42 0.80 -8.85
N TYR A 31 6.43 1.02 -8.01
CA TYR A 31 6.82 0.02 -7.06
C TYR A 31 6.40 0.41 -5.63
N TYR A 32 6.25 1.71 -5.40
CA TYR A 32 5.83 2.17 -4.09
C TYR A 32 4.37 2.60 -4.13
N SER A 33 3.56 1.88 -3.46
CA SER A 33 2.19 2.23 -3.32
C SER A 33 1.94 2.30 -1.84
N GLN A 34 1.23 3.29 -1.39
CA GLN A 34 1.07 3.50 0.02
C GLN A 34 -0.39 3.60 0.40
N CYS A 35 -0.71 3.17 1.59
CA CYS A 35 -2.05 3.25 2.10
C CYS A 35 -2.31 4.64 2.67
N LEU A 36 -3.03 5.43 1.92
CA LEU A 36 -3.43 6.75 2.31
C LEU A 36 -4.89 6.72 2.64
C1 MAN B . 0.63 -0.37 11.90
C2 MAN B . 1.05 -1.60 12.75
C3 MAN B . 2.10 -1.24 13.80
C4 MAN B . 1.55 -0.10 14.67
C5 MAN B . 1.17 1.10 13.78
C6 MAN B . 2.35 1.75 13.07
O2 MAN B . 1.50 -2.74 11.93
O3 MAN B . 3.33 -0.87 13.20
O4 MAN B . 0.40 -0.59 15.33
O5 MAN B . 0.20 0.68 12.78
O6 MAN B . 1.92 2.62 12.02
H1 MAN B . 1.55 -0.01 11.39
H2 MAN B . 0.13 -1.91 13.28
H3 MAN B . 2.25 -2.12 14.44
H4 MAN B . 2.30 0.20 15.40
H5 MAN B . 0.62 1.86 14.37
H61 MAN B . 3.00 0.95 12.70
H62 MAN B . 2.92 2.33 13.81
HO3 MAN B . 3.62 -1.58 12.63
HO4 MAN B . 0.03 0.14 15.86
HO6 MAN B . 2.12 2.15 11.19
C1 MAN B . 2.04 -2.49 10.64
C2 MAN B . 2.29 -3.84 9.95
C3 MAN B . 3.52 -3.79 9.06
C4 MAN B . 3.56 -2.46 8.33
C5 MAN B . 3.75 -1.32 9.37
C6 MAN B . 3.04 -0.04 9.00
O2 MAN B . 1.18 -4.17 9.16
O3 MAN B . 3.45 -4.83 8.10
O4 MAN B . 4.63 -2.47 7.38
O5 MAN B . 3.24 -1.73 10.69
O6 MAN B . 2.97 0.88 10.10
H1 MAN B . 1.31 -1.96 10.02
H2 MAN B . 2.45 -4.63 10.70
H3 MAN B . 4.41 -3.88 9.69
H4 MAN B . 2.60 -2.29 7.80
H5 MAN B . 4.82 -1.12 9.54
H61 MAN B . 2.04 -0.29 8.60
H62 MAN B . 3.59 0.43 8.17
HO2 MAN B . 1.41 -4.97 8.68
HO3 MAN B . 4.24 -4.75 7.56
HO4 MAN B . 5.45 -2.66 7.87
HO6 MAN B . 3.87 1.22 10.22
N THR A 1 -2.58 -6.64 7.65
CA THR A 1 -3.19 -5.47 7.07
C THR A 1 -2.16 -4.34 7.08
N GLN A 2 -2.17 -3.50 6.06
CA GLN A 2 -1.25 -2.42 5.98
C GLN A 2 -1.82 -1.18 6.63
N CYS A 3 -0.97 -0.45 7.32
CA CYS A 3 -1.34 0.75 8.04
C CYS A 3 -1.34 1.99 7.15
N HIS A 4 -1.84 3.07 7.71
CA HIS A 4 -1.89 4.34 7.04
C HIS A 4 -0.46 4.87 6.97
N TYR A 5 -0.04 5.23 5.75
CA TYR A 5 1.35 5.67 5.44
C TYR A 5 2.30 4.49 5.36
N GLY A 6 1.72 3.32 5.29
CA GLY A 6 2.48 2.12 5.10
C GLY A 6 2.41 1.71 3.64
N GLN A 7 3.32 0.87 3.22
CA GLN A 7 3.39 0.49 1.82
C GLN A 7 2.45 -0.67 1.51
N CYS A 8 1.42 -0.40 0.73
CA CYS A 8 0.54 -1.47 0.25
C CYS A 8 1.22 -2.19 -0.90
N GLY A 9 2.23 -1.55 -1.44
CA GLY A 9 3.08 -2.19 -2.38
C GLY A 9 2.72 -1.98 -3.80
N GLY A 10 3.74 -1.88 -4.59
CA GLY A 10 3.63 -1.77 -6.00
C GLY A 10 4.14 -3.04 -6.61
N ILE A 11 4.62 -2.93 -7.83
CA ILE A 11 5.17 -4.07 -8.54
C ILE A 11 6.33 -4.70 -7.73
N GLY A 12 6.21 -5.98 -7.45
CA GLY A 12 7.25 -6.70 -6.77
C GLY A 12 7.05 -6.81 -5.26
N TYR A 13 6.10 -6.09 -4.71
CA TYR A 13 5.87 -6.13 -3.27
C TYR A 13 4.93 -7.28 -2.92
N SER A 14 5.42 -8.19 -2.12
CA SER A 14 4.71 -9.39 -1.74
C SER A 14 4.32 -9.39 -0.24
N GLY A 15 4.22 -8.20 0.32
CA GLY A 15 3.87 -8.07 1.73
C GLY A 15 2.39 -7.76 1.92
N PRO A 16 2.03 -6.96 2.93
CA PRO A 16 0.64 -6.60 3.19
C PRO A 16 0.15 -5.59 2.17
N THR A 17 -0.53 -6.09 1.17
CA THR A 17 -1.03 -5.28 0.11
C THR A 17 -2.42 -4.74 0.43
N VAL A 18 -3.07 -5.37 1.39
CA VAL A 18 -4.40 -4.99 1.80
C VAL A 18 -4.30 -3.88 2.84
N CYS A 19 -4.83 -2.73 2.50
CA CYS A 19 -4.80 -1.59 3.38
C CYS A 19 -5.89 -1.68 4.42
N ALA A 20 -5.73 -0.93 5.49
CA ALA A 20 -6.71 -0.87 6.55
C ALA A 20 -8.00 -0.26 6.04
N SER A 21 -9.07 -0.58 6.67
CA SER A 21 -10.33 -0.05 6.28
C SER A 21 -10.38 1.44 6.60
N GLY A 22 -10.56 2.24 5.58
CA GLY A 22 -10.50 3.66 5.75
C GLY A 22 -9.26 4.24 5.10
N THR A 23 -8.42 3.36 4.58
CA THR A 23 -7.23 3.78 3.86
C THR A 23 -7.28 3.19 2.45
N THR A 24 -6.70 3.88 1.50
CA THR A 24 -6.69 3.40 0.14
C THR A 24 -5.28 3.22 -0.39
N CYS A 25 -5.04 2.13 -1.07
CA CYS A 25 -3.75 1.86 -1.67
C CYS A 25 -3.57 2.72 -2.90
N GLN A 26 -2.78 3.74 -2.77
CA GLN A 26 -2.54 4.67 -3.84
C GLN A 26 -1.16 4.47 -4.41
N VAL A 27 -1.07 4.41 -5.70
CA VAL A 27 0.18 4.21 -6.39
C VAL A 27 0.91 5.54 -6.50
N LEU A 28 1.94 5.69 -5.70
CA LEU A 28 2.73 6.91 -5.71
C LEU A 28 3.85 6.76 -6.72
N ASN A 29 4.38 5.58 -6.77
CA ASN A 29 5.41 5.19 -7.70
C ASN A 29 5.04 3.80 -8.13
N PRO A 30 5.60 3.24 -9.21
CA PRO A 30 5.18 1.92 -9.71
C PRO A 30 5.48 0.79 -8.72
N TYR A 31 6.47 1.00 -7.87
CA TYR A 31 6.82 -0.03 -6.92
C TYR A 31 6.44 0.40 -5.51
N TYR A 32 6.34 1.71 -5.29
CA TYR A 32 5.90 2.19 -4.01
C TYR A 32 4.47 2.66 -4.08
N SER A 33 3.63 1.97 -3.42
CA SER A 33 2.26 2.36 -3.31
C SER A 33 1.97 2.41 -1.83
N GLN A 34 1.23 3.38 -1.39
CA GLN A 34 1.04 3.60 0.02
C GLN A 34 -0.44 3.64 0.36
N CYS A 35 -0.76 3.22 1.56
CA CYS A 35 -2.12 3.25 2.04
C CYS A 35 -2.44 4.62 2.64
N LEU A 36 -3.20 5.39 1.91
CA LEU A 36 -3.66 6.68 2.35
C LEU A 36 -5.14 6.59 2.64
C1 MAN B . 0.34 0.76 11.87
C2 MAN B . 1.49 -0.29 11.99
C3 MAN B . 2.66 0.30 12.76
C4 MAN B . 2.17 0.79 14.13
C5 MAN B . 1.06 1.81 13.97
C6 MAN B . 1.50 3.09 13.29
O2 MAN B . 1.96 -0.67 10.67
O3 MAN B . 3.26 1.34 12.00
O4 MAN B . 1.68 -0.31 14.86
O5 MAN B . -0.03 1.22 13.20
O6 MAN B . 0.39 3.94 12.99
H1 MAN B . 0.72 1.67 11.41
H2 MAN B . 1.10 -1.15 12.54
H3 MAN B . 3.40 -0.50 12.90
H4 MAN B . 3.02 1.25 14.67
H5 MAN B . 0.63 2.05 14.96
H61 MAN B . 2.09 2.84 12.40
H62 MAN B . 2.18 3.62 13.98
HO3 MAN B . 3.53 0.95 11.16
HO4 MAN B . 2.39 -0.96 14.95
HO6 MAN B . -0.42 3.41 13.09
C1 MAN B . 1.87 -2.04 10.40
C2 MAN B . 2.50 -2.37 9.02
C3 MAN B . 1.94 -3.68 8.47
C4 MAN B . 1.54 -4.58 9.60
C5 MAN B . 0.33 -3.94 10.33
C6 MAN B . 0.16 -4.41 11.77
O2 MAN B . 3.90 -2.52 9.14
O3 MAN B . 2.92 -4.37 7.72
O4 MAN B . 1.22 -5.84 9.05
O5 MAN B . 0.50 -2.48 10.39
O6 MAN B . -0.81 -3.59 12.43
H1 MAN B . 2.41 -2.62 11.16
H2 MAN B . 2.27 -1.58 8.27
H3 MAN B . 1.05 -3.48 7.86
H4 MAN B . 2.39 -4.67 10.28
H5 MAN B . -0.59 -4.10 9.76
H61 MAN B . 1.14 -4.37 12.26
H62 MAN B . -0.18 -5.45 11.76
HO2 MAN B . 4.15 -2.89 8.29
HO3 MAN B . 2.45 -5.19 7.51
HO4 MAN B . 1.01 -6.45 9.77
HO6 MAN B . -0.87 -2.77 11.93
N THR A 1 -2.59 -6.66 7.34
CA THR A 1 -3.19 -5.48 6.79
C THR A 1 -2.16 -4.36 6.86
N GLN A 2 -2.19 -3.45 5.91
CA GLN A 2 -1.23 -2.37 5.91
C GLN A 2 -1.80 -1.15 6.62
N CYS A 3 -0.93 -0.39 7.25
CA CYS A 3 -1.31 0.77 8.02
C CYS A 3 -1.41 2.00 7.14
N HIS A 4 -1.90 3.06 7.70
CA HIS A 4 -1.94 4.33 7.02
C HIS A 4 -0.49 4.83 6.93
N TYR A 5 -0.09 5.25 5.72
CA TYR A 5 1.27 5.73 5.39
C TYR A 5 2.23 4.56 5.24
N GLY A 6 1.68 3.37 5.24
CA GLY A 6 2.48 2.20 5.02
C GLY A 6 2.42 1.79 3.57
N GLN A 7 3.31 0.94 3.16
CA GLN A 7 3.41 0.54 1.79
C GLN A 7 2.53 -0.67 1.49
N CYS A 8 1.45 -0.45 0.78
CA CYS A 8 0.63 -1.57 0.33
C CYS A 8 1.41 -2.34 -0.73
N GLY A 9 2.20 -1.63 -1.50
CA GLY A 9 3.11 -2.30 -2.38
C GLY A 9 2.74 -2.25 -3.82
N GLY A 10 3.72 -1.88 -4.61
CA GLY A 10 3.61 -1.85 -6.02
C GLY A 10 4.23 -3.10 -6.60
N ILE A 11 4.68 -2.99 -7.83
CA ILE A 11 5.33 -4.09 -8.53
C ILE A 11 6.56 -4.58 -7.74
N GLY A 12 6.56 -5.84 -7.37
CA GLY A 12 7.72 -6.43 -6.70
C GLY A 12 7.54 -6.57 -5.19
N TYR A 13 6.46 -6.06 -4.66
CA TYR A 13 6.20 -6.16 -3.25
C TYR A 13 5.28 -7.37 -2.99
N SER A 14 5.55 -8.14 -1.95
CA SER A 14 4.76 -9.34 -1.66
C SER A 14 4.21 -9.36 -0.22
N GLY A 15 4.19 -8.20 0.41
CA GLY A 15 3.70 -8.10 1.77
C GLY A 15 2.20 -7.86 1.83
N PRO A 16 1.71 -7.01 2.77
CA PRO A 16 0.30 -6.71 2.92
C PRO A 16 -0.13 -5.62 1.96
N THR A 17 -0.79 -6.03 0.91
CA THR A 17 -1.25 -5.15 -0.10
C THR A 17 -2.62 -4.58 0.26
N VAL A 18 -3.31 -5.26 1.16
CA VAL A 18 -4.61 -4.81 1.62
C VAL A 18 -4.44 -3.77 2.72
N CYS A 19 -4.88 -2.57 2.45
CA CYS A 19 -4.79 -1.47 3.40
C CYS A 19 -5.89 -1.59 4.44
N ALA A 20 -5.68 -0.93 5.58
CA ALA A 20 -6.63 -0.92 6.68
C ALA A 20 -7.96 -0.28 6.28
N SER A 21 -8.95 -0.51 7.09
CA SER A 21 -10.28 0.02 6.89
C SER A 21 -10.24 1.56 6.97
N GLY A 22 -10.53 2.20 5.89
CA GLY A 22 -10.52 3.65 5.86
C GLY A 22 -9.31 4.19 5.13
N THR A 23 -8.46 3.31 4.64
CA THR A 23 -7.27 3.73 3.90
C THR A 23 -7.29 3.11 2.51
N THR A 24 -6.79 3.83 1.54
CA THR A 24 -6.77 3.38 0.17
C THR A 24 -5.35 3.19 -0.33
N CYS A 25 -5.12 2.13 -1.07
CA CYS A 25 -3.82 1.87 -1.65
C CYS A 25 -3.65 2.79 -2.84
N GLN A 26 -2.77 3.75 -2.71
CA GLN A 26 -2.51 4.70 -3.75
C GLN A 26 -1.12 4.52 -4.29
N VAL A 27 -1.04 4.28 -5.56
CA VAL A 27 0.21 4.11 -6.25
C VAL A 27 0.90 5.46 -6.37
N LEU A 28 2.02 5.60 -5.72
CA LEU A 28 2.78 6.83 -5.77
C LEU A 28 3.90 6.67 -6.78
N ASN A 29 4.39 5.47 -6.86
CA ASN A 29 5.43 5.06 -7.77
C ASN A 29 5.05 3.67 -8.18
N PRO A 30 5.57 3.12 -9.29
CA PRO A 30 5.16 1.78 -9.75
C PRO A 30 5.47 0.69 -8.74
N TYR A 31 6.43 0.93 -7.88
CA TYR A 31 6.83 -0.04 -6.89
C TYR A 31 6.37 0.40 -5.49
N TYR A 32 6.23 1.70 -5.31
CA TYR A 32 5.81 2.19 -4.03
C TYR A 32 4.36 2.63 -4.08
N SER A 33 3.54 1.93 -3.39
CA SER A 33 2.17 2.27 -3.27
C SER A 33 1.91 2.39 -1.80
N GLN A 34 1.23 3.42 -1.39
CA GLN A 34 1.05 3.70 0.01
C GLN A 34 -0.42 3.72 0.36
N CYS A 35 -0.73 3.29 1.55
CA CYS A 35 -2.09 3.29 2.02
C CYS A 35 -2.44 4.64 2.63
N LEU A 36 -3.20 5.39 1.91
CA LEU A 36 -3.68 6.66 2.34
C LEU A 36 -5.15 6.55 2.64
C1 MAN B . 1.35 0.70 11.22
C2 MAN B . 2.36 -0.15 12.05
C3 MAN B . 3.29 0.78 12.84
C4 MAN B . 2.50 1.80 13.67
C5 MAN B . 1.54 2.57 12.76
C6 MAN B . 2.21 3.45 11.70
O2 MAN B . 3.26 -0.88 11.15
O3 MAN B . 4.19 1.42 11.96
O4 MAN B . 1.76 1.14 14.68
O5 MAN B . 0.68 1.63 12.07
O6 MAN B . 1.25 3.88 10.72
H1 MAN B . 1.98 1.28 10.52
H2 MAN B . 1.81 -0.82 12.73
H3 MAN B . 3.85 0.12 13.52
H4 MAN B . 3.22 2.52 14.11
H5 MAN B . 0.85 3.19 13.35
H61 MAN B . 3.05 2.89 11.26
H62 MAN B . 2.63 4.33 12.20
HO3 MAN B . 4.58 0.73 11.40
HO4 MAN B . 2.38 0.65 15.24
HO6 MAN B . 1.70 4.20 9.92
C1 MAN B . 2.82 -2.08 10.56
C2 MAN B . 2.46 -3.14 11.65
C3 MAN B . 2.40 -4.55 11.04
C4 MAN B . 2.32 -4.48 9.52
C5 MAN B . 3.56 -3.75 8.97
C6 MAN B . 3.43 -3.26 7.54
O2 MAN B . 1.18 -2.83 12.23
O3 MAN B . 1.23 -5.21 11.53
O4 MAN B . 2.24 -5.80 8.99
O5 MAN B . 3.88 -2.59 9.77
O6 MAN B . 3.47 -4.33 6.61
H1 MAN B . 1.95 -1.90 9.92
H2 MAN B . 3.25 -3.08 12.41
H3 MAN B . 3.30 -5.09 11.35
H4 MAN B . 1.41 -3.93 9.23
H5 MAN B . 4.46 -4.38 9.05
H61 MAN B . 4.27 -2.57 7.35
H62 MAN B . 2.50 -2.69 7.42
HO2 MAN B . 0.52 -3.00 11.55
HO3 MAN B . 1.28 -5.17 12.50
HO4 MAN B . 2.18 -5.72 8.03
HO6 MAN B . 3.87 -4.00 5.80
N THR A 1 -2.47 -6.81 6.85
CA THR A 1 -3.14 -5.63 6.41
C THR A 1 -2.29 -4.41 6.74
N GLN A 2 -2.08 -3.57 5.76
CA GLN A 2 -1.21 -2.45 5.91
C GLN A 2 -1.90 -1.32 6.68
N CYS A 3 -1.09 -0.50 7.29
CA CYS A 3 -1.55 0.60 8.09
C CYS A 3 -1.36 1.92 7.33
N HIS A 4 -1.92 2.98 7.86
CA HIS A 4 -1.91 4.29 7.21
C HIS A 4 -0.47 4.82 7.14
N TYR A 5 -0.04 5.21 5.93
CA TYR A 5 1.34 5.66 5.61
C TYR A 5 2.31 4.51 5.52
N GLY A 6 1.76 3.34 5.45
CA GLY A 6 2.54 2.16 5.24
C GLY A 6 2.52 1.78 3.77
N GLN A 7 3.44 0.97 3.36
CA GLN A 7 3.54 0.57 1.99
C GLN A 7 2.63 -0.61 1.68
N CYS A 8 1.62 -0.37 0.89
CA CYS A 8 0.77 -1.44 0.43
C CYS A 8 1.46 -2.13 -0.76
N GLY A 9 2.43 -1.44 -1.31
CA GLY A 9 3.29 -2.04 -2.29
C GLY A 9 2.82 -1.96 -3.70
N GLY A 10 3.76 -1.85 -4.56
CA GLY A 10 3.52 -1.80 -5.95
C GLY A 10 3.88 -3.11 -6.58
N ILE A 11 4.24 -3.07 -7.83
CA ILE A 11 4.63 -4.24 -8.58
C ILE A 11 5.85 -4.93 -7.91
N GLY A 12 5.63 -6.11 -7.38
CA GLY A 12 6.71 -6.86 -6.81
C GLY A 12 6.61 -7.03 -5.31
N TYR A 13 6.06 -6.04 -4.64
CA TYR A 13 5.93 -6.09 -3.18
C TYR A 13 4.92 -7.16 -2.78
N SER A 14 5.37 -8.11 -2.04
CA SER A 14 4.55 -9.24 -1.66
C SER A 14 4.23 -9.23 -0.14
N GLY A 15 4.33 -8.06 0.48
CA GLY A 15 4.04 -7.92 1.89
C GLY A 15 2.58 -7.58 2.15
N PRO A 16 2.27 -6.68 3.12
CA PRO A 16 0.90 -6.25 3.37
C PRO A 16 0.41 -5.33 2.26
N THR A 17 -0.18 -5.91 1.27
CA THR A 17 -0.65 -5.21 0.11
C THR A 17 -2.03 -4.58 0.29
N VAL A 18 -2.85 -5.19 1.12
CA VAL A 18 -4.17 -4.67 1.37
C VAL A 18 -4.13 -3.70 2.53
N CYS A 19 -4.67 -2.53 2.33
CA CYS A 19 -4.67 -1.49 3.34
C CYS A 19 -5.82 -1.67 4.32
N ALA A 20 -5.75 -0.95 5.43
CA ALA A 20 -6.80 -0.94 6.42
C ALA A 20 -8.04 -0.31 5.84
N SER A 21 -9.19 -0.75 6.28
CA SER A 21 -10.44 -0.21 5.82
C SER A 21 -10.50 1.28 6.19
N GLY A 22 -10.67 2.11 5.20
CA GLY A 22 -10.67 3.53 5.41
C GLY A 22 -9.45 4.17 4.80
N THR A 23 -8.46 3.35 4.47
CA THR A 23 -7.27 3.83 3.81
C THR A 23 -7.19 3.21 2.43
N THR A 24 -6.67 3.91 1.47
CA THR A 24 -6.60 3.42 0.13
C THR A 24 -5.18 3.22 -0.32
N CYS A 25 -4.93 2.17 -1.06
CA CYS A 25 -3.61 1.90 -1.58
C CYS A 25 -3.39 2.74 -2.80
N GLN A 26 -2.72 3.83 -2.62
CA GLN A 26 -2.47 4.75 -3.68
C GLN A 26 -1.11 4.50 -4.24
N VAL A 27 -1.07 4.23 -5.52
CA VAL A 27 0.16 3.97 -6.22
C VAL A 27 0.88 5.28 -6.44
N LEU A 28 1.83 5.56 -5.58
CA LEU A 28 2.60 6.78 -5.67
C LEU A 28 3.58 6.63 -6.81
N ASN A 29 4.23 5.49 -6.81
CA ASN A 29 5.17 5.10 -7.83
C ASN A 29 4.82 3.67 -8.17
N PRO A 30 5.29 3.10 -9.31
CA PRO A 30 4.86 1.76 -9.75
C PRO A 30 5.23 0.65 -8.77
N TYR A 31 6.22 0.90 -7.93
CA TYR A 31 6.65 -0.12 -7.00
C TYR A 31 6.37 0.34 -5.56
N TYR A 32 6.30 1.63 -5.33
CA TYR A 32 5.94 2.11 -4.03
C TYR A 32 4.51 2.60 -4.02
N SER A 33 3.68 1.93 -3.33
CA SER A 33 2.33 2.35 -3.15
C SER A 33 2.12 2.48 -1.66
N GLN A 34 1.36 3.46 -1.25
CA GLN A 34 1.19 3.73 0.16
C GLN A 34 -0.30 3.77 0.50
N CYS A 35 -0.62 3.36 1.70
CA CYS A 35 -1.98 3.38 2.19
C CYS A 35 -2.33 4.73 2.75
N LEU A 36 -3.10 5.47 2.02
CA LEU A 36 -3.59 6.75 2.42
C LEU A 36 -5.07 6.63 2.61
C1 MAN B . 0.02 -0.95 11.69
C2 MAN B . -0.09 -2.22 12.54
C3 MAN B . 1.15 -2.38 13.39
C4 MAN B . 1.28 -1.15 14.29
C5 MAN B . 1.34 0.13 13.45
C6 MAN B . 2.62 0.29 12.62
O2 MAN B . -0.27 -3.41 11.72
O3 MAN B . 2.27 -2.51 12.53
O4 MAN B . 0.15 -1.12 15.15
O5 MAN B . 0.18 0.20 12.55
O6 MAN B . 3.76 0.40 13.47
H1 MAN B . 0.97 -1.05 11.14
H2 MAN B . -0.95 -2.09 13.21
H3 MAN B . 1.04 -3.27 14.01
H4 MAN B . 2.21 -1.26 14.88
H5 MAN B . 1.24 1.00 14.11
H61 MAN B . 2.53 1.17 11.97
H62 MAN B . 2.76 -0.60 11.99
HO3 MAN B . 2.08 -3.27 11.97
HO4 MAN B . 0.30 -0.39 15.77
HO6 MAN B . 4.41 0.96 13.03
C1 MAN B . -0.86 -4.50 12.38
C2 MAN B . -1.02 -5.73 11.45
C3 MAN B . -2.11 -5.47 10.42
C4 MAN B . -3.37 -5.09 11.12
C5 MAN B . -3.13 -3.84 11.97
C6 MAN B . -4.36 -3.38 12.73
O2 MAN B . -1.38 -6.87 12.19
O3 MAN B . -2.42 -6.68 9.72
O4 MAN B . -4.38 -4.91 10.14
O5 MAN B . -2.12 -4.15 12.95
O6 MAN B . -4.93 -4.43 13.50
H1 MAN B . -0.21 -4.80 13.23
H2 MAN B . -0.07 -5.91 10.91
H3 MAN B . -1.87 -4.66 9.72
H4 MAN B . -3.65 -5.92 11.78
H5 MAN B . -2.75 -3.02 11.34
H61 MAN B . -5.08 -2.97 11.99
H62 MAN B . -4.07 -2.55 13.38
HO2 MAN B . -1.53 -7.55 11.52
HO3 MAN B . -3.30 -6.45 9.38
HO4 MAN B . -5.22 -4.75 10.58
HO6 MAN B . -4.48 -4.45 14.35
N THR A 1 -3.63 -6.24 7.85
CA THR A 1 -3.84 -5.01 7.10
C THR A 1 -2.62 -4.13 7.13
N GLN A 2 -2.38 -3.43 6.04
CA GLN A 2 -1.36 -2.43 6.01
C GLN A 2 -1.99 -1.17 6.57
N CYS A 3 -1.26 -0.44 7.35
CA CYS A 3 -1.84 0.68 8.02
C CYS A 3 -1.56 1.98 7.25
N HIS A 4 -2.08 3.09 7.76
CA HIS A 4 -1.94 4.39 7.13
C HIS A 4 -0.47 4.79 7.07
N TYR A 5 0.00 5.11 5.86
CA TYR A 5 1.42 5.48 5.54
C TYR A 5 2.30 4.28 5.38
N GLY A 6 1.70 3.13 5.39
CA GLY A 6 2.43 1.93 5.15
C GLY A 6 2.39 1.59 3.68
N GLN A 7 3.35 0.84 3.23
CA GLN A 7 3.43 0.47 1.84
C GLN A 7 2.50 -0.68 1.54
N CYS A 8 1.47 -0.42 0.75
CA CYS A 8 0.60 -1.51 0.28
C CYS A 8 1.30 -2.22 -0.86
N GLY A 9 2.31 -1.55 -1.38
CA GLY A 9 3.18 -2.16 -2.33
C GLY A 9 2.78 -1.99 -3.74
N GLY A 10 3.76 -1.80 -4.55
CA GLY A 10 3.57 -1.72 -5.94
C GLY A 10 3.98 -3.01 -6.55
N ILE A 11 4.38 -2.97 -7.78
CA ILE A 11 4.83 -4.15 -8.48
C ILE A 11 6.09 -4.74 -7.81
N GLY A 12 5.99 -5.95 -7.31
CA GLY A 12 7.13 -6.63 -6.75
C GLY A 12 7.07 -6.77 -5.24
N TYR A 13 6.21 -6.01 -4.60
CA TYR A 13 6.12 -6.05 -3.15
C TYR A 13 5.28 -7.24 -2.70
N SER A 14 5.91 -8.20 -2.08
CA SER A 14 5.28 -9.42 -1.67
C SER A 14 4.83 -9.37 -0.19
N GLY A 15 4.65 -8.18 0.33
CA GLY A 15 4.24 -8.01 1.71
C GLY A 15 2.74 -7.74 1.82
N PRO A 16 2.31 -6.97 2.83
CA PRO A 16 0.89 -6.64 3.05
C PRO A 16 0.38 -5.66 1.99
N THR A 17 -0.43 -6.16 1.10
CA THR A 17 -0.95 -5.37 0.02
C THR A 17 -2.37 -4.82 0.30
N VAL A 18 -3.02 -5.35 1.33
CA VAL A 18 -4.36 -4.92 1.69
C VAL A 18 -4.28 -3.84 2.74
N CYS A 19 -4.75 -2.68 2.42
CA CYS A 19 -4.77 -1.58 3.35
C CYS A 19 -5.94 -1.73 4.30
N ALA A 20 -5.83 -1.14 5.47
CA ALA A 20 -6.92 -1.15 6.43
C ALA A 20 -8.06 -0.29 5.94
N SER A 21 -9.25 -0.60 6.36
CA SER A 21 -10.43 0.15 6.00
C SER A 21 -10.26 1.62 6.40
N GLY A 22 -10.45 2.49 5.47
CA GLY A 22 -10.26 3.89 5.72
C GLY A 22 -9.04 4.39 4.99
N THR A 23 -8.16 3.48 4.64
CA THR A 23 -6.97 3.83 3.92
C THR A 23 -7.01 3.17 2.56
N THR A 24 -6.55 3.87 1.57
CA THR A 24 -6.60 3.40 0.23
C THR A 24 -5.20 3.19 -0.32
N CYS A 25 -5.02 2.10 -1.04
CA CYS A 25 -3.74 1.82 -1.65
C CYS A 25 -3.54 2.72 -2.85
N GLN A 26 -2.79 3.77 -2.67
CA GLN A 26 -2.54 4.72 -3.71
C GLN A 26 -1.17 4.49 -4.27
N VAL A 27 -1.12 4.31 -5.57
CA VAL A 27 0.13 4.06 -6.27
C VAL A 27 0.87 5.38 -6.43
N LEU A 28 1.86 5.60 -5.60
CA LEU A 28 2.65 6.81 -5.66
C LEU A 28 3.66 6.67 -6.76
N ASN A 29 4.29 5.54 -6.76
CA ASN A 29 5.29 5.17 -7.73
C ASN A 29 4.85 3.81 -8.20
N PRO A 30 5.32 3.30 -9.36
CA PRO A 30 4.85 1.99 -9.86
C PRO A 30 5.23 0.84 -8.92
N TYR A 31 6.25 1.08 -8.12
CA TYR A 31 6.73 0.07 -7.20
C TYR A 31 6.41 0.45 -5.75
N TYR A 32 6.29 1.74 -5.47
CA TYR A 32 5.88 2.15 -4.13
C TYR A 32 4.42 2.61 -4.11
N SER A 33 3.61 1.88 -3.45
CA SER A 33 2.25 2.27 -3.27
C SER A 33 2.02 2.36 -1.77
N GLN A 34 1.28 3.32 -1.33
CA GLN A 34 1.11 3.56 0.08
C GLN A 34 -0.37 3.63 0.44
N CYS A 35 -0.68 3.20 1.62
CA CYS A 35 -2.03 3.24 2.12
C CYS A 35 -2.33 4.61 2.71
N LEU A 36 -3.06 5.40 1.97
CA LEU A 36 -3.50 6.69 2.41
C LEU A 36 -4.98 6.63 2.66
C1 MAN B . -1.32 1.56 12.08
C2 MAN B . -2.16 1.68 13.39
C3 MAN B . -1.24 1.96 14.58
C4 MAN B . 0.02 1.17 14.42
C5 MAN B . 0.82 1.72 13.21
C6 MAN B . 1.58 0.63 12.49
O2 MAN B . -2.83 0.40 13.59
O3 MAN B . -1.83 1.58 15.81
O4 MAN B . 0.77 1.27 15.62
O5 MAN B . -0.11 2.30 12.23
O6 MAN B . 0.70 -0.31 11.88
H1 MAN B . -1.04 0.50 12.06
H2 MAN B . -2.89 2.49 13.27
H3 MAN B . -0.96 3.03 14.61
H4 MAN B . -0.26 0.13 14.24
H5 MAN B . 1.50 2.49 13.59
H61 MAN B . 2.21 0.13 13.24
H62 MAN B . 2.28 1.08 11.75
HO3 MAN B . -1.12 1.62 16.44
HO4 MAN B . 1.51 0.66 15.52
HO6 MAN B . 1.19 -1.11 11.64
C1 MAN B . -4.21 0.36 13.34
C2 MAN B . -4.97 1.26 14.35
C3 MAN B . -6.43 0.79 14.49
C4 MAN B . -6.90 0.14 13.21
C5 MAN B . -6.05 -1.13 12.93
C6 MAN B . -5.93 -1.44 11.46
O2 MAN B . -4.97 2.61 13.91
O3 MAN B . -7.27 1.91 14.75
O4 MAN B . -8.27 -0.17 13.34
O5 MAN B . -4.70 -0.96 13.45
O6 MAN B . -4.88 -2.39 11.23
H1 MAN B . -4.42 0.70 12.32
H2 MAN B . -4.48 1.19 15.33
H3 MAN B . -6.48 0.05 15.31
H4 MAN B . -6.76 0.88 12.40
H5 MAN B . -6.45 -2.00 13.47
H61 MAN B . -5.75 -0.51 10.91
H62 MAN B . -6.88 -1.86 11.10
HO2 MAN B . -5.44 3.10 14.60
HO3 MAN B . -7.20 2.51 14.01
HO4 MAN B . -8.71 0.65 13.59
HO6 MAN B . -4.51 -2.62 12.08
N THR A 1 -2.35 -6.49 8.00
CA THR A 1 -2.92 -5.55 7.09
C THR A 1 -2.03 -4.32 7.08
N GLN A 2 -2.03 -3.59 6.00
CA GLN A 2 -1.20 -2.41 5.91
C GLN A 2 -1.96 -1.26 6.54
N CYS A 3 -1.27 -0.33 7.09
CA CYS A 3 -1.88 0.78 7.76
C CYS A 3 -1.58 2.07 7.02
N HIS A 4 -2.13 3.17 7.50
CA HIS A 4 -1.95 4.48 6.92
C HIS A 4 -0.46 4.81 6.86
N TYR A 5 0.01 5.22 5.69
CA TYR A 5 1.44 5.56 5.43
C TYR A 5 2.33 4.35 5.35
N GLY A 6 1.72 3.22 5.24
CA GLY A 6 2.46 2.03 5.01
C GLY A 6 2.39 1.69 3.55
N GLN A 7 3.25 0.83 3.10
CA GLN A 7 3.31 0.51 1.70
C GLN A 7 2.40 -0.67 1.39
N CYS A 8 1.36 -0.43 0.61
CA CYS A 8 0.52 -1.51 0.13
C CYS A 8 1.25 -2.24 -0.98
N GLY A 9 2.14 -1.53 -1.64
CA GLY A 9 3.02 -2.18 -2.54
C GLY A 9 2.75 -1.97 -3.99
N GLY A 10 3.82 -1.92 -4.73
CA GLY A 10 3.78 -1.83 -6.13
C GLY A 10 4.27 -3.12 -6.70
N ILE A 11 4.77 -3.07 -7.91
CA ILE A 11 5.25 -4.25 -8.61
C ILE A 11 6.36 -4.98 -7.83
N GLY A 12 6.04 -6.16 -7.33
CA GLY A 12 7.05 -6.95 -6.64
C GLY A 12 6.89 -6.96 -5.13
N TYR A 13 5.94 -6.21 -4.64
CA TYR A 13 5.71 -6.18 -3.21
C TYR A 13 4.71 -7.26 -2.84
N SER A 14 5.12 -8.18 -2.00
CA SER A 14 4.29 -9.29 -1.62
C SER A 14 3.97 -9.27 -0.12
N GLY A 15 4.18 -8.12 0.50
CA GLY A 15 3.86 -7.95 1.91
C GLY A 15 2.39 -7.63 2.13
N PRO A 16 2.06 -6.75 3.08
CA PRO A 16 0.69 -6.35 3.32
C PRO A 16 0.21 -5.42 2.21
N THR A 17 -0.44 -6.00 1.25
CA THR A 17 -0.92 -5.31 0.09
C THR A 17 -2.32 -4.74 0.32
N VAL A 18 -3.00 -5.30 1.30
CA VAL A 18 -4.31 -4.86 1.67
C VAL A 18 -4.19 -3.77 2.72
N CYS A 19 -4.78 -2.64 2.46
CA CYS A 19 -4.75 -1.53 3.38
C CYS A 19 -5.92 -1.66 4.34
N ALA A 20 -5.69 -1.32 5.60
CA ALA A 20 -6.72 -1.36 6.61
C ALA A 20 -7.87 -0.48 6.20
N SER A 21 -9.05 -0.94 6.48
CA SER A 21 -10.26 -0.26 6.11
C SER A 21 -10.24 1.19 6.61
N GLY A 22 -10.49 2.10 5.70
CA GLY A 22 -10.39 3.50 5.97
C GLY A 22 -9.23 4.12 5.20
N THR A 23 -8.28 3.31 4.79
CA THR A 23 -7.16 3.79 3.99
C THR A 23 -7.20 3.18 2.61
N THR A 24 -6.78 3.92 1.61
CA THR A 24 -6.80 3.45 0.25
C THR A 24 -5.40 3.32 -0.31
N CYS A 25 -5.14 2.23 -0.98
CA CYS A 25 -3.86 1.97 -1.60
C CYS A 25 -3.69 2.89 -2.79
N GLN A 26 -2.72 3.76 -2.73
CA GLN A 26 -2.48 4.67 -3.82
C GLN A 26 -1.07 4.51 -4.32
N VAL A 27 -0.96 4.22 -5.60
CA VAL A 27 0.31 4.05 -6.27
C VAL A 27 1.01 5.39 -6.37
N LEU A 28 2.04 5.59 -5.60
CA LEU A 28 2.76 6.84 -5.63
C LEU A 28 3.88 6.71 -6.63
N ASN A 29 4.47 5.56 -6.64
CA ASN A 29 5.52 5.20 -7.56
C ASN A 29 5.14 3.85 -8.09
N PRO A 30 5.66 3.40 -9.24
CA PRO A 30 5.26 2.09 -9.82
C PRO A 30 5.58 0.92 -8.88
N TYR A 31 6.53 1.13 -7.99
CA TYR A 31 6.88 0.11 -7.03
C TYR A 31 6.44 0.52 -5.61
N TYR A 32 6.30 1.81 -5.36
CA TYR A 32 5.88 2.26 -4.04
C TYR A 32 4.42 2.71 -4.06
N SER A 33 3.60 2.00 -3.39
CA SER A 33 2.22 2.38 -3.25
C SER A 33 1.94 2.50 -1.78
N GLN A 34 1.29 3.54 -1.37
CA GLN A 34 1.08 3.78 0.04
C GLN A 34 -0.40 3.80 0.36
N CYS A 35 -0.73 3.36 1.54
CA CYS A 35 -2.09 3.38 2.01
C CYS A 35 -2.42 4.75 2.59
N LEU A 36 -3.18 5.50 1.84
CA LEU A 36 -3.65 6.78 2.27
C LEU A 36 -5.10 6.66 2.60
C1 MAN B . -0.71 -0.21 11.66
C2 MAN B . -0.68 -1.40 12.68
C3 MAN B . -0.80 -0.89 14.10
C4 MAN B . 0.20 0.23 14.28
C5 MAN B . -0.24 1.43 13.42
C6 MAN B . 0.93 2.19 12.77
O2 MAN B . 0.57 -2.19 12.63
O3 MAN B . -0.46 -1.91 15.04
O4 MAN B . 0.25 0.56 15.64
O5 MAN B . -1.12 0.99 12.34
O6 MAN B . 1.88 2.63 13.73
H1 MAN B . 0.32 -0.04 11.34
H2 MAN B . -1.54 -2.06 12.47
H3 MAN B . -1.80 -0.48 14.31
H4 MAN B . 1.19 -0.13 13.95
H5 MAN B . -0.80 2.12 14.08
H61 MAN B . 0.50 3.06 12.24
H62 MAN B . 1.43 1.56 12.00
HO3 MAN B . -0.38 -1.45 15.88
HO4 MAN B . 0.96 1.20 15.74
HO6 MAN B . 1.73 3.57 13.92
C1 MAN B . 0.93 -2.85 11.45
C2 MAN B . 2.12 -3.78 11.78
C3 MAN B . 3.35 -2.97 12.10
C4 MAN B . 3.69 -2.10 10.92
C5 MAN B . 2.51 -1.17 10.57
C6 MAN B . 2.79 -0.41 9.29
O2 MAN B . 2.44 -4.61 10.69
O3 MAN B . 4.46 -3.83 12.31
O4 MAN B . 4.87 -1.36 11.23
O5 MAN B . 1.29 -1.97 10.36
O6 MAN B . 1.65 0.33 8.84
H1 MAN B . 0.11 -3.51 11.12
H2 MAN B . 1.89 -4.39 12.67
H3 MAN B . 3.18 -2.31 12.97
H4 MAN B . 3.87 -2.79 10.07
H5 MAN B . 2.32 -0.48 11.40
H61 MAN B . 3.04 -1.16 8.52
H62 MAN B . 3.66 0.24 9.43
HO2 MAN B . 3.23 -5.09 10.97
HO3 MAN B . 5.23 -3.25 12.34
HO4 MAN B . 4.66 -0.76 11.94
HO6 MAN B . 1.50 -0.05 7.96
N THR A 1 -2.37 -6.70 7.39
CA THR A 1 -3.08 -5.63 6.75
C THR A 1 -2.24 -4.35 6.90
N GLN A 2 -2.18 -3.54 5.87
CA GLN A 2 -1.33 -2.37 5.87
C GLN A 2 -2.06 -1.17 6.46
N CYS A 3 -1.36 -0.35 7.18
CA CYS A 3 -1.95 0.80 7.80
C CYS A 3 -1.67 2.09 7.02
N HIS A 4 -2.24 3.20 7.48
CA HIS A 4 -2.09 4.51 6.85
C HIS A 4 -0.60 4.89 6.85
N TYR A 5 -0.09 5.31 5.69
CA TYR A 5 1.33 5.69 5.46
C TYR A 5 2.25 4.49 5.29
N GLY A 6 1.67 3.34 5.32
CA GLY A 6 2.42 2.15 5.09
C GLY A 6 2.39 1.78 3.63
N GLN A 7 3.28 0.93 3.22
CA GLN A 7 3.37 0.56 1.85
C GLN A 7 2.49 -0.63 1.56
N CYS A 8 1.42 -0.42 0.82
CA CYS A 8 0.60 -1.53 0.37
C CYS A 8 1.36 -2.24 -0.72
N GLY A 9 2.18 -1.49 -1.42
CA GLY A 9 3.06 -2.08 -2.34
C GLY A 9 2.69 -1.93 -3.77
N GLY A 10 3.69 -1.74 -4.55
CA GLY A 10 3.55 -1.66 -5.96
C GLY A 10 4.07 -2.94 -6.55
N ILE A 11 4.51 -2.87 -7.78
CA ILE A 11 5.04 -3.99 -8.54
C ILE A 11 6.08 -4.80 -7.73
N GLY A 12 5.75 -6.04 -7.44
CA GLY A 12 6.70 -6.95 -6.82
C GLY A 12 6.62 -7.02 -5.30
N TYR A 13 5.91 -6.10 -4.68
CA TYR A 13 5.80 -6.09 -3.23
C TYR A 13 4.92 -7.24 -2.77
N SER A 14 5.50 -8.13 -2.00
CA SER A 14 4.87 -9.35 -1.55
C SER A 14 4.43 -9.27 -0.08
N GLY A 15 4.35 -8.07 0.45
CA GLY A 15 3.97 -7.89 1.83
C GLY A 15 2.48 -7.65 1.99
N PRO A 16 2.06 -6.82 2.95
CA PRO A 16 0.65 -6.52 3.15
C PRO A 16 0.13 -5.55 2.07
N THR A 17 -0.53 -6.10 1.08
CA THR A 17 -1.04 -5.32 -0.02
C THR A 17 -2.45 -4.79 0.24
N VAL A 18 -3.12 -5.38 1.21
CA VAL A 18 -4.46 -4.96 1.56
C VAL A 18 -4.37 -3.89 2.64
N CYS A 19 -4.83 -2.71 2.32
CA CYS A 19 -4.82 -1.61 3.24
C CYS A 19 -5.98 -1.77 4.22
N ALA A 20 -5.78 -1.29 5.43
CA ALA A 20 -6.75 -1.37 6.49
C ALA A 20 -7.96 -0.51 6.24
N SER A 21 -8.93 -0.66 7.11
CA SER A 21 -10.19 0.03 7.04
C SER A 21 -9.99 1.55 7.04
N GLY A 22 -10.31 2.18 5.93
CA GLY A 22 -10.22 3.61 5.87
C GLY A 22 -8.92 4.10 5.26
N THR A 23 -8.25 3.25 4.49
CA THR A 23 -7.04 3.65 3.80
C THR A 23 -7.07 3.09 2.38
N THR A 24 -6.57 3.83 1.43
CA THR A 24 -6.55 3.38 0.06
C THR A 24 -5.14 3.19 -0.47
N CYS A 25 -4.94 2.10 -1.16
CA CYS A 25 -3.66 1.77 -1.74
C CYS A 25 -3.42 2.64 -2.96
N GLN A 26 -2.64 3.67 -2.78
CA GLN A 26 -2.38 4.59 -3.84
C GLN A 26 -0.99 4.42 -4.37
N VAL A 27 -0.91 4.16 -5.66
CA VAL A 27 0.34 3.99 -6.35
C VAL A 27 0.99 5.35 -6.52
N LEU A 28 1.97 5.61 -5.70
CA LEU A 28 2.68 6.87 -5.74
C LEU A 28 3.77 6.75 -6.77
N ASN A 29 4.35 5.60 -6.78
CA ASN A 29 5.43 5.26 -7.66
C ASN A 29 5.13 3.82 -8.07
N PRO A 30 5.70 3.27 -9.15
CA PRO A 30 5.32 1.94 -9.65
C PRO A 30 5.56 0.84 -8.63
N TYR A 31 6.57 0.99 -7.82
CA TYR A 31 6.89 0.00 -6.85
C TYR A 31 6.44 0.43 -5.46
N TYR A 32 6.31 1.72 -5.25
CA TYR A 32 5.86 2.22 -3.97
C TYR A 32 4.41 2.69 -4.03
N SER A 33 3.57 1.98 -3.35
CA SER A 33 2.20 2.36 -3.23
C SER A 33 1.92 2.48 -1.75
N GLN A 34 1.31 3.54 -1.34
CA GLN A 34 1.10 3.79 0.07
C GLN A 34 -0.38 3.78 0.38
N CYS A 35 -0.72 3.33 1.56
CA CYS A 35 -2.08 3.33 2.00
C CYS A 35 -2.44 4.68 2.59
N LEU A 36 -3.15 5.46 1.82
CA LEU A 36 -3.62 6.74 2.26
C LEU A 36 -5.06 6.62 2.64
C1 MAN B . -1.46 0.33 11.95
C2 MAN B . -1.73 -0.59 13.15
C3 MAN B . -1.01 -0.06 14.38
C4 MAN B . -1.44 1.39 14.67
C5 MAN B . -1.20 2.27 13.45
C6 MAN B . 0.27 2.48 13.12
O2 MAN B . -1.23 -1.94 12.88
O3 MAN B . 0.40 -0.13 14.20
O4 MAN B . -2.82 1.43 15.02
O5 MAN B . -1.87 1.67 12.29
O6 MAN B . 0.92 3.25 14.12
H1 MAN B . -0.36 0.39 11.84
H2 MAN B . -2.81 -0.60 13.34
H3 MAN B . -1.30 -0.69 15.25
H4 MAN B . -0.82 1.76 15.51
H5 MAN B . -1.69 3.25 13.60
H61 MAN B . 0.36 2.95 12.13
H62 MAN B . 0.77 1.51 13.09
HO3 MAN B . 0.62 -1.06 14.04
HO4 MAN B . -3.35 1.11 14.27
HO6 MAN B . 1.73 2.78 14.35
C1 MAN B . -2.16 -2.99 13.03
C2 MAN B . -3.29 -2.89 11.95
C3 MAN B . -4.57 -3.60 12.45
C4 MAN B . -4.20 -4.74 13.35
C5 MAN B . -3.50 -4.21 14.63
C6 MAN B . -2.55 -5.23 15.25
O2 MAN B . -2.85 -3.49 10.75
O3 MAN B . -5.29 -4.16 11.35
O4 MAN B . -5.40 -5.42 13.68
O5 MAN B . -2.73 -3.00 14.33
O6 MAN B . -3.23 -6.44 15.58
H1 MAN B . -1.64 -3.93 12.87
H2 MAN B . -3.52 -1.83 11.77
H3 MAN B . -5.20 -2.91 13.02
H4 MAN B . -3.52 -5.41 12.82
H5 MAN B . -4.28 -3.94 15.35
H61 MAN B . -2.15 -4.78 16.16
H62 MAN B . -1.70 -5.43 14.58
HO2 MAN B . -2.05 -3.03 10.48
HO3 MAN B . -5.96 -4.72 11.76
HO4 MAN B . -5.13 -6.17 14.24
HO6 MAN B . -3.65 -6.31 16.44
N THR A 1 -2.57 -6.94 6.65
CA THR A 1 -3.20 -5.67 6.47
C THR A 1 -2.17 -4.55 6.65
N GLN A 2 -2.15 -3.60 5.75
CA GLN A 2 -1.21 -2.53 5.81
C GLN A 2 -1.80 -1.36 6.59
N CYS A 3 -0.98 -0.66 7.31
CA CYS A 3 -1.43 0.47 8.09
C CYS A 3 -1.48 1.74 7.27
N HIS A 4 -2.01 2.78 7.89
CA HIS A 4 -2.07 4.09 7.29
C HIS A 4 -0.64 4.59 7.14
N TYR A 5 -0.32 5.10 5.95
CA TYR A 5 1.00 5.59 5.57
C TYR A 5 1.95 4.45 5.30
N GLY A 6 1.42 3.26 5.28
CA GLY A 6 2.22 2.11 5.00
C GLY A 6 2.21 1.79 3.53
N GLN A 7 3.11 0.93 3.11
CA GLN A 7 3.25 0.59 1.72
C GLN A 7 2.34 -0.57 1.37
N CYS A 8 1.29 -0.33 0.63
CA CYS A 8 0.44 -1.42 0.15
C CYS A 8 1.17 -2.13 -0.99
N GLY A 9 2.21 -1.49 -1.46
CA GLY A 9 3.12 -2.11 -2.37
C GLY A 9 2.76 -2.03 -3.80
N GLY A 10 3.78 -1.94 -4.59
CA GLY A 10 3.67 -1.91 -6.00
C GLY A 10 4.23 -3.18 -6.55
N ILE A 11 4.70 -3.12 -7.78
CA ILE A 11 5.30 -4.24 -8.47
C ILE A 11 6.45 -4.84 -7.64
N GLY A 12 6.32 -6.09 -7.26
CA GLY A 12 7.38 -6.75 -6.55
C GLY A 12 7.10 -6.91 -5.07
N TYR A 13 6.18 -6.13 -4.56
CA TYR A 13 5.88 -6.17 -3.15
C TYR A 13 5.02 -7.39 -2.82
N SER A 14 5.49 -8.19 -1.90
CA SER A 14 4.81 -9.40 -1.52
C SER A 14 4.22 -9.32 -0.10
N GLY A 15 4.52 -8.21 0.58
CA GLY A 15 4.04 -7.99 1.94
C GLY A 15 2.56 -7.61 2.00
N PRO A 16 2.14 -6.79 3.00
CA PRO A 16 0.75 -6.41 3.17
C PRO A 16 0.29 -5.46 2.09
N THR A 17 -0.44 -5.99 1.15
CA THR A 17 -0.89 -5.23 0.02
C THR A 17 -2.29 -4.67 0.23
N VAL A 18 -3.00 -5.18 1.21
CA VAL A 18 -4.35 -4.75 1.47
C VAL A 18 -4.31 -3.69 2.56
N CYS A 19 -4.79 -2.52 2.25
CA CYS A 19 -4.80 -1.42 3.18
C CYS A 19 -5.86 -1.63 4.27
N ALA A 20 -5.66 -1.00 5.41
CA ALA A 20 -6.59 -1.08 6.51
C ALA A 20 -7.86 -0.31 6.19
N SER A 21 -8.88 -0.51 7.00
CA SER A 21 -10.14 0.16 6.81
C SER A 21 -9.93 1.68 6.95
N GLY A 22 -10.39 2.42 5.98
CA GLY A 22 -10.25 3.85 6.01
C GLY A 22 -9.00 4.33 5.29
N THR A 23 -8.26 3.41 4.67
CA THR A 23 -7.08 3.80 3.91
C THR A 23 -7.17 3.24 2.49
N THR A 24 -6.65 3.96 1.55
CA THR A 24 -6.71 3.55 0.16
C THR A 24 -5.30 3.27 -0.38
N CYS A 25 -5.17 2.27 -1.24
CA CYS A 25 -3.89 1.95 -1.83
C CYS A 25 -3.66 2.85 -3.02
N GLN A 26 -2.83 3.84 -2.84
CA GLN A 26 -2.53 4.80 -3.86
C GLN A 26 -1.14 4.57 -4.39
N VAL A 27 -1.06 4.34 -5.68
CA VAL A 27 0.20 4.11 -6.36
C VAL A 27 0.91 5.44 -6.56
N LEU A 28 1.96 5.66 -5.82
CA LEU A 28 2.73 6.89 -5.95
C LEU A 28 3.85 6.67 -6.94
N ASN A 29 4.36 5.48 -6.92
CA ASN A 29 5.41 5.02 -7.80
C ASN A 29 5.05 3.61 -8.17
N PRO A 30 5.56 3.05 -9.27
CA PRO A 30 5.17 1.68 -9.72
C PRO A 30 5.51 0.60 -8.69
N TYR A 31 6.44 0.92 -7.80
CA TYR A 31 6.83 -0.02 -6.78
C TYR A 31 6.36 0.45 -5.41
N TYR A 32 6.18 1.75 -5.25
CA TYR A 32 5.72 2.28 -4.00
C TYR A 32 4.27 2.69 -4.08
N SER A 33 3.45 2.00 -3.40
CA SER A 33 2.07 2.34 -3.30
C SER A 33 1.81 2.48 -1.82
N GLN A 34 1.10 3.48 -1.42
CA GLN A 34 0.94 3.76 -0.02
C GLN A 34 -0.53 3.79 0.35
N CYS A 35 -0.83 3.36 1.55
CA CYS A 35 -2.17 3.38 2.06
C CYS A 35 -2.46 4.72 2.71
N LEU A 36 -3.19 5.53 2.02
CA LEU A 36 -3.60 6.81 2.52
C LEU A 36 -5.05 6.72 2.88
C1 MAN B . 1.78 2.04 9.98
C2 MAN B . 3.27 2.33 9.90
C3 MAN B . 3.57 3.70 10.49
C4 MAN B . 3.09 3.73 11.95
C5 MAN B . 1.60 3.34 12.05
C6 MAN B . 0.62 4.36 11.50
O2 MAN B . 3.71 2.29 8.51
O3 MAN B . 2.94 4.71 9.72
O4 MAN B . 3.84 2.81 12.70
O5 MAN B . 1.36 2.06 11.37
O6 MAN B . -0.70 3.81 11.51
H1 MAN B . 1.26 2.89 9.54
H2 MAN B . 3.80 1.57 10.49
H3 MAN B . 4.66 3.85 10.46
H4 MAN B . 3.22 4.75 12.35
H5 MAN B . 1.38 3.16 13.10
H61 MAN B . 0.94 4.66 10.49
H62 MAN B . 0.64 5.26 12.13
HO3 MAN B . 3.24 4.59 8.80
HO4 MAN B . 4.77 3.07 12.69
HO6 MAN B . -0.58 2.85 11.48
C1 MAN B . 4.84 1.48 8.27
C2 MAN B . 5.14 1.47 6.78
C3 MAN B . 6.35 0.57 6.48
C4 MAN B . 6.11 -0.85 7.06
C5 MAN B . 5.78 -0.76 8.55
C6 MAN B . 6.94 -0.23 9.40
O2 MAN B . 5.42 2.80 6.35
O3 MAN B . 7.53 1.15 7.01
O4 MAN B . 5.02 -1.46 6.39
O5 MAN B . 4.63 0.13 8.73
O6 MAN B . 6.52 0.15 10.71
H1 MAN B . 5.70 1.87 8.82
H2 MAN B . 4.26 1.06 6.27
H3 MAN B . 6.45 0.49 5.39
H4 MAN B . 7.04 -1.42 6.91
H5 MAN B . 5.45 -1.73 8.94
H61 MAN B . 7.43 0.60 8.87
H62 MAN B . 7.69 -1.02 9.50
HO2 MAN B . 4.65 3.33 6.60
HO3 MAN B . 8.27 0.57 6.79
HO4 MAN B . 4.21 -1.00 6.63
HO6 MAN B . 6.90 1.02 10.90
N THR A 1 -2.63 -6.79 7.63
CA THR A 1 -3.16 -5.72 6.81
C THR A 1 -2.17 -4.55 6.86
N GLN A 2 -2.17 -3.67 5.87
CA GLN A 2 -1.24 -2.58 5.87
C GLN A 2 -1.80 -1.37 6.63
N CYS A 3 -0.93 -0.67 7.29
CA CYS A 3 -1.27 0.47 8.13
C CYS A 3 -1.33 1.75 7.29
N HIS A 4 -1.93 2.80 7.85
CA HIS A 4 -1.97 4.11 7.23
C HIS A 4 -0.55 4.61 7.10
N TYR A 5 -0.21 5.10 5.92
CA TYR A 5 1.13 5.62 5.56
C TYR A 5 2.13 4.50 5.33
N GLY A 6 1.64 3.29 5.36
CA GLY A 6 2.47 2.16 5.08
C GLY A 6 2.40 1.81 3.62
N GLN A 7 3.22 0.90 3.20
CA GLN A 7 3.29 0.56 1.81
C GLN A 7 2.40 -0.62 1.51
N CYS A 8 1.35 -0.41 0.75
CA CYS A 8 0.52 -1.52 0.30
C CYS A 8 1.26 -2.25 -0.81
N GLY A 9 2.14 -1.52 -1.47
CA GLY A 9 3.02 -2.16 -2.40
C GLY A 9 2.65 -2.08 -3.83
N GLY A 10 3.67 -1.92 -4.63
CA GLY A 10 3.59 -1.92 -6.05
C GLY A 10 4.26 -3.16 -6.57
N ILE A 11 4.74 -3.10 -7.80
CA ILE A 11 5.44 -4.21 -8.46
C ILE A 11 6.62 -4.73 -7.60
N GLY A 12 6.51 -5.98 -7.17
CA GLY A 12 7.60 -6.60 -6.43
C GLY A 12 7.39 -6.64 -4.93
N TYR A 13 6.32 -6.05 -4.46
CA TYR A 13 6.03 -6.06 -3.05
C TYR A 13 5.18 -7.27 -2.71
N SER A 14 5.74 -8.17 -1.91
CA SER A 14 5.09 -9.42 -1.55
C SER A 14 4.52 -9.38 -0.11
N GLY A 15 4.37 -8.19 0.43
CA GLY A 15 3.88 -8.05 1.79
C GLY A 15 2.37 -7.86 1.85
N PRO A 16 1.87 -7.02 2.77
CA PRO A 16 0.45 -6.76 2.90
C PRO A 16 0.00 -5.72 1.87
N THR A 17 -0.66 -6.19 0.83
CA THR A 17 -1.06 -5.32 -0.25
C THR A 17 -2.42 -4.67 -0.01
N VAL A 18 -3.11 -5.10 1.03
CA VAL A 18 -4.40 -4.53 1.35
C VAL A 18 -4.26 -3.58 2.52
N CYS A 19 -4.75 -2.39 2.34
CA CYS A 19 -4.68 -1.38 3.36
C CYS A 19 -5.81 -1.55 4.36
N ALA A 20 -5.59 -1.08 5.56
CA ALA A 20 -6.62 -1.07 6.58
C ALA A 20 -7.76 -0.18 6.11
N SER A 21 -8.97 -0.70 6.15
CA SER A 21 -10.11 0.04 5.69
C SER A 21 -10.20 1.40 6.39
N GLY A 22 -10.40 2.42 5.60
CA GLY A 22 -10.32 3.76 6.07
C GLY A 22 -9.12 4.44 5.46
N THR A 23 -8.29 3.65 4.78
CA THR A 23 -7.14 4.14 4.05
C THR A 23 -7.19 3.51 2.67
N THR A 24 -6.68 4.19 1.68
CA THR A 24 -6.73 3.67 0.34
C THR A 24 -5.33 3.42 -0.22
N CYS A 25 -5.15 2.30 -0.89
CA CYS A 25 -3.89 1.95 -1.51
C CYS A 25 -3.71 2.78 -2.75
N GLN A 26 -2.86 3.76 -2.70
CA GLN A 26 -2.63 4.62 -3.81
C GLN A 26 -1.25 4.40 -4.35
N VAL A 27 -1.18 4.10 -5.63
CA VAL A 27 0.07 3.90 -6.31
C VAL A 27 0.74 5.25 -6.51
N LEU A 28 1.81 5.48 -5.79
CA LEU A 28 2.53 6.73 -5.92
C LEU A 28 3.58 6.55 -6.97
N ASN A 29 4.29 5.48 -6.84
CA ASN A 29 5.33 5.08 -7.75
C ASN A 29 4.95 3.68 -8.17
N PRO A 30 5.45 3.15 -9.30
CA PRO A 30 5.04 1.81 -9.77
C PRO A 30 5.39 0.69 -8.79
N TYR A 31 6.34 0.95 -7.91
CA TYR A 31 6.73 -0.05 -6.94
C TYR A 31 6.28 0.37 -5.54
N TYR A 32 6.11 1.66 -5.33
CA TYR A 32 5.68 2.16 -4.06
C TYR A 32 4.23 2.60 -4.10
N SER A 33 3.42 1.92 -3.41
CA SER A 33 2.05 2.29 -3.26
C SER A 33 1.82 2.44 -1.79
N GLN A 34 1.16 3.47 -1.39
CA GLN A 34 1.03 3.77 0.01
C GLN A 34 -0.43 3.83 0.39
N CYS A 35 -0.71 3.47 1.61
CA CYS A 35 -2.05 3.52 2.14
C CYS A 35 -2.36 4.90 2.68
N LEU A 36 -3.11 5.65 1.93
CA LEU A 36 -3.53 6.97 2.33
C LEU A 36 -4.99 6.92 2.67
C1 MAN B . 1.20 2.05 11.15
C2 MAN B . 1.24 3.02 12.39
C3 MAN B . 2.69 3.50 12.65
C4 MAN B . 3.64 2.39 12.32
C5 MAN B . 3.63 2.18 10.80
C6 MAN B . 4.06 0.80 10.34
O2 MAN B . 0.76 2.39 13.60
O3 MAN B . 2.87 3.83 14.03
O4 MAN B . 4.92 2.77 12.79
O5 MAN B . 2.29 2.40 10.26
O6 MAN B . 3.75 0.62 8.95
H1 MAN B . 1.40 1.04 11.54
H2 MAN B . 0.62 3.90 12.14
H3 MAN B . 2.90 4.37 12.01
H4 MAN B . 3.30 1.49 12.83
H5 MAN B . 4.26 2.94 10.30
H61 MAN B . 3.54 0.06 10.97
H62 MAN B . 5.14 0.69 10.51
HO3 MAN B . 2.28 4.57 14.23
HO4 MAN B . 4.78 3.01 13.72
HO6 MAN B . 3.18 1.36 8.70
C1 MAN B . -0.57 2.67 13.98
C2 MAN B . -0.84 2.03 15.36
C3 MAN B . -2.28 2.31 15.79
C4 MAN B . -3.25 1.84 14.70
C5 MAN B . -2.90 2.49 13.35
C6 MAN B . -3.13 3.98 13.26
O2 MAN B . 0.02 2.61 16.31
O3 MAN B . -2.40 3.70 16.06
O4 MAN B . -3.16 0.43 14.58
O5 MAN B . -1.51 2.22 13.02
O6 MAN B . -2.64 4.50 12.02
H1 MAN B . -0.68 3.76 14.11
H2 MAN B . -0.70 0.94 15.26
H3 MAN B . -2.46 1.75 16.72
H4 MAN B . -4.28 2.11 14.97
H5 MAN B . -3.48 1.97 12.58
H61 MAN B . -2.68 4.48 14.14
H62 MAN B . -4.21 4.18 13.31
HO2 MAN B . -0.25 3.53 16.31
HO3 MAN B . -3.30 3.87 16.38
HO4 MAN B . -3.41 0.03 15.41
HO6 MAN B . -1.72 4.80 12.14
N THR A 1 -2.75 -6.97 6.71
CA THR A 1 -3.29 -5.64 6.54
C THR A 1 -2.17 -4.59 6.70
N GLN A 2 -2.21 -3.56 5.88
CA GLN A 2 -1.24 -2.49 5.94
C GLN A 2 -1.82 -1.30 6.69
N CYS A 3 -0.97 -0.59 7.38
CA CYS A 3 -1.36 0.55 8.17
C CYS A 3 -1.31 1.83 7.32
N HIS A 4 -1.90 2.89 7.84
CA HIS A 4 -1.93 4.19 7.18
C HIS A 4 -0.49 4.71 7.09
N TYR A 5 -0.09 5.13 5.88
CA TYR A 5 1.27 5.62 5.54
C TYR A 5 2.24 4.48 5.32
N GLY A 6 1.74 3.28 5.38
CA GLY A 6 2.56 2.15 5.11
C GLY A 6 2.50 1.78 3.66
N GLN A 7 3.40 0.94 3.22
CA GLN A 7 3.47 0.56 1.84
C GLN A 7 2.56 -0.61 1.54
N CYS A 8 1.48 -0.37 0.82
CA CYS A 8 0.63 -1.46 0.36
C CYS A 8 1.40 -2.23 -0.69
N GLY A 9 2.24 -1.52 -1.42
CA GLY A 9 3.14 -2.16 -2.30
C GLY A 9 2.83 -2.00 -3.74
N GLY A 10 3.89 -1.95 -4.49
CA GLY A 10 3.81 -1.88 -5.89
C GLY A 10 4.35 -3.15 -6.47
N ILE A 11 4.84 -3.07 -7.68
CA ILE A 11 5.43 -4.20 -8.39
C ILE A 11 6.53 -4.86 -7.54
N GLY A 12 6.33 -6.10 -7.15
CA GLY A 12 7.33 -6.83 -6.42
C GLY A 12 7.02 -6.96 -4.95
N TYR A 13 6.13 -6.13 -4.45
CA TYR A 13 5.80 -6.17 -3.04
C TYR A 13 4.77 -7.25 -2.80
N SER A 14 5.06 -8.14 -1.91
CA SER A 14 4.19 -9.25 -1.63
C SER A 14 3.78 -9.31 -0.15
N GLY A 15 4.05 -8.23 0.57
CA GLY A 15 3.72 -8.15 1.98
C GLY A 15 2.25 -7.75 2.19
N PRO A 16 1.95 -6.83 3.11
CA PRO A 16 0.60 -6.37 3.35
C PRO A 16 0.13 -5.43 2.24
N THR A 17 -0.54 -5.98 1.28
CA THR A 17 -1.00 -5.25 0.13
C THR A 17 -2.39 -4.65 0.35
N VAL A 18 -3.14 -5.26 1.25
CA VAL A 18 -4.46 -4.77 1.56
C VAL A 18 -4.34 -3.77 2.69
N CYS A 19 -4.79 -2.57 2.45
CA CYS A 19 -4.71 -1.52 3.43
C CYS A 19 -5.82 -1.67 4.45
N ALA A 20 -5.68 -1.01 5.57
CA ALA A 20 -6.70 -0.98 6.61
C ALA A 20 -7.97 -0.35 6.07
N SER A 21 -9.10 -0.69 6.62
CA SER A 21 -10.34 -0.11 6.17
C SER A 21 -10.32 1.36 6.57
N GLY A 22 -10.48 2.21 5.61
CA GLY A 22 -10.37 3.62 5.86
C GLY A 22 -9.14 4.17 5.19
N THR A 23 -8.31 3.29 4.66
CA THR A 23 -7.12 3.71 3.94
C THR A 23 -7.13 3.08 2.54
N THR A 24 -6.61 3.78 1.56
CA THR A 24 -6.59 3.28 0.21
C THR A 24 -5.17 3.12 -0.33
N CYS A 25 -4.93 2.06 -1.09
CA CYS A 25 -3.63 1.84 -1.70
C CYS A 25 -3.51 2.74 -2.92
N GLN A 26 -2.72 3.77 -2.80
CA GLN A 26 -2.56 4.71 -3.89
C GLN A 26 -1.19 4.56 -4.53
N VAL A 27 -1.20 4.50 -5.85
CA VAL A 27 0.01 4.35 -6.63
C VAL A 27 0.73 5.69 -6.71
N LEU A 28 1.77 5.82 -5.94
CA LEU A 28 2.58 7.00 -5.94
C LEU A 28 3.67 6.82 -6.98
N ASN A 29 4.25 5.65 -6.95
CA ASN A 29 5.26 5.22 -7.90
C ASN A 29 4.83 3.82 -8.33
N PRO A 30 5.38 3.25 -9.42
CA PRO A 30 4.98 1.91 -9.85
C PRO A 30 5.33 0.85 -8.79
N TYR A 31 6.46 1.04 -8.12
CA TYR A 31 6.87 0.08 -7.11
C TYR A 31 6.47 0.55 -5.71
N TYR A 32 6.32 1.86 -5.52
CA TYR A 32 5.90 2.37 -4.23
C TYR A 32 4.45 2.79 -4.23
N SER A 33 3.66 2.10 -3.49
CA SER A 33 2.29 2.46 -3.34
C SER A 33 2.01 2.50 -1.85
N GLN A 34 1.32 3.53 -1.40
CA GLN A 34 1.13 3.74 0.02
C GLN A 34 -0.35 3.74 0.37
N CYS A 35 -0.65 3.34 1.57
CA CYS A 35 -2.00 3.34 2.07
C CYS A 35 -2.35 4.69 2.66
N LEU A 36 -3.12 5.44 1.93
CA LEU A 36 -3.62 6.71 2.35
C LEU A 36 -5.08 6.54 2.66
C1 MAN B . 0.71 1.92 11.61
C2 MAN B . 0.72 2.99 12.74
C3 MAN B . 2.14 3.13 13.36
C4 MAN B . 2.84 1.81 13.29
C5 MAN B . 3.08 1.43 11.82
C6 MAN B . 3.16 -0.08 11.61
O2 MAN B . -0.24 2.65 13.77
O3 MAN B . 2.05 3.54 14.73
O4 MAN B . 4.06 1.91 13.98
O5 MAN B . 2.00 1.93 10.98
O6 MAN B . 4.18 -0.68 12.39
H1 MAN B . 0.62 0.94 12.09
H2 MAN B . 0.44 3.94 12.26
H3 MAN B . 2.68 3.87 12.76
H4 MAN B . 2.22 1.03 13.77
H5 MAN B . 4.01 1.89 11.49
H61 MAN B . 3.35 -0.24 10.54
H62 MAN B . 2.17 -0.52 11.83
HO3 MAN B . 1.55 4.37 14.76
HO4 MAN B . 3.83 2.13 14.90
HO6 MAN B . 4.52 -0.02 13.03
C1 MAN B . -1.23 3.62 13.99
C2 MAN B . -2.19 3.17 15.12
C3 MAN B . -3.53 3.93 15.06
C4 MAN B . -3.31 5.27 14.39
C5 MAN B . -2.87 5.04 12.91
C6 MAN B . -2.13 6.21 12.32
O2 MAN B . -1.59 3.40 16.39
O3 MAN B . -3.99 4.16 16.38
O4 MAN B . -4.52 6.01 14.45
O5 MAN B . -1.99 3.87 12.81
O6 MAN B . -1.67 5.91 10.99
H1 MAN B . -0.76 4.57 14.29
H2 MAN B . -2.39 2.09 14.99
H3 MAN B . -4.24 3.33 14.48
H4 MAN B . -2.51 5.80 14.93
H5 MAN B . -3.76 4.81 12.31
H61 MAN B . -1.29 6.45 12.98
H62 MAN B . -2.79 7.09 12.30
HO2 MAN B . -2.26 3.12 17.02
HO3 MAN B . -3.34 4.71 16.84
HO4 MAN B . -4.77 5.99 15.38
HO6 MAN B . -0.71 6.00 10.99
N THR A 1 -3.01 -6.99 7.47
CA THR A 1 -3.50 -5.84 6.78
C THR A 1 -2.47 -4.70 6.90
N GLN A 2 -2.42 -3.82 5.92
CA GLN A 2 -1.49 -2.73 5.92
C GLN A 2 -2.15 -1.51 6.53
N CYS A 3 -1.41 -0.71 7.21
CA CYS A 3 -1.99 0.43 7.88
C CYS A 3 -1.63 1.74 7.18
N HIS A 4 -2.18 2.82 7.72
CA HIS A 4 -2.02 4.18 7.18
C HIS A 4 -0.54 4.56 7.12
N TYR A 5 -0.11 5.06 5.95
CA TYR A 5 1.28 5.51 5.69
C TYR A 5 2.24 4.37 5.57
N GLY A 6 1.72 3.22 5.30
CA GLY A 6 2.56 2.11 5.01
C GLY A 6 2.41 1.69 3.59
N GLN A 7 3.39 1.05 3.06
CA GLN A 7 3.41 0.67 1.67
C GLN A 7 2.50 -0.52 1.42
N CYS A 8 1.46 -0.33 0.63
CA CYS A 8 0.61 -1.44 0.21
C CYS A 8 1.27 -2.16 -0.93
N GLY A 9 2.24 -1.49 -1.52
CA GLY A 9 3.07 -2.12 -2.47
C GLY A 9 2.68 -1.94 -3.89
N GLY A 10 3.69 -1.91 -4.70
CA GLY A 10 3.54 -1.83 -6.10
C GLY A 10 3.98 -3.15 -6.69
N ILE A 11 4.41 -3.11 -7.93
CA ILE A 11 4.87 -4.31 -8.62
C ILE A 11 6.06 -4.94 -7.88
N GLY A 12 5.85 -6.11 -7.30
CA GLY A 12 6.95 -6.82 -6.68
C GLY A 12 6.99 -6.69 -5.17
N TYR A 13 5.99 -6.06 -4.59
CA TYR A 13 5.95 -5.96 -3.16
C TYR A 13 5.18 -7.15 -2.57
N SER A 14 5.89 -7.99 -1.89
CA SER A 14 5.35 -9.20 -1.33
C SER A 14 5.01 -9.07 0.17
N GLY A 15 4.63 -7.87 0.58
CA GLY A 15 4.29 -7.64 1.98
C GLY A 15 2.79 -7.46 2.17
N PRO A 16 2.34 -6.65 3.14
CA PRO A 16 0.93 -6.37 3.36
C PRO A 16 0.40 -5.47 2.26
N THR A 17 -0.35 -6.05 1.38
CA THR A 17 -0.79 -5.37 0.21
C THR A 17 -2.21 -4.81 0.34
N VAL A 18 -2.98 -5.34 1.26
CA VAL A 18 -4.35 -4.86 1.46
C VAL A 18 -4.35 -3.81 2.56
N CYS A 19 -4.85 -2.64 2.25
CA CYS A 19 -4.86 -1.54 3.20
C CYS A 19 -6.05 -1.68 4.15
N ALA A 20 -5.89 -1.13 5.34
CA ALA A 20 -6.92 -1.12 6.34
C ALA A 20 -8.08 -0.25 5.92
N SER A 21 -9.23 -0.51 6.47
CA SER A 21 -10.40 0.26 6.17
C SER A 21 -10.20 1.71 6.62
N GLY A 22 -10.35 2.61 5.68
CA GLY A 22 -10.13 4.00 5.96
C GLY A 22 -8.89 4.49 5.26
N THR A 23 -8.13 3.57 4.69
CA THR A 23 -6.96 3.91 3.94
C THR A 23 -7.04 3.30 2.56
N THR A 24 -6.56 4.01 1.59
CA THR A 24 -6.62 3.56 0.23
C THR A 24 -5.21 3.31 -0.32
N CYS A 25 -5.05 2.23 -1.04
CA CYS A 25 -3.77 1.90 -1.63
C CYS A 25 -3.56 2.75 -2.87
N GLN A 26 -2.84 3.82 -2.71
CA GLN A 26 -2.60 4.72 -3.81
C GLN A 26 -1.22 4.48 -4.35
N VAL A 27 -1.14 4.35 -5.63
CA VAL A 27 0.12 4.11 -6.30
C VAL A 27 0.86 5.42 -6.41
N LEU A 28 1.87 5.58 -5.61
CA LEU A 28 2.65 6.79 -5.64
C LEU A 28 3.65 6.66 -6.76
N ASN A 29 4.34 5.56 -6.73
CA ASN A 29 5.33 5.20 -7.69
C ASN A 29 4.96 3.80 -8.15
N PRO A 30 5.44 3.30 -9.29
CA PRO A 30 5.03 1.99 -9.82
C PRO A 30 5.37 0.81 -8.88
N TYR A 31 6.35 0.99 -8.02
CA TYR A 31 6.70 -0.07 -7.12
C TYR A 31 6.37 0.31 -5.67
N TYR A 32 6.31 1.60 -5.40
CA TYR A 32 5.91 2.04 -4.09
C TYR A 32 4.48 2.58 -4.12
N SER A 33 3.59 1.90 -3.50
CA SER A 33 2.24 2.34 -3.37
C SER A 33 1.96 2.38 -1.90
N GLN A 34 1.19 3.33 -1.43
CA GLN A 34 1.03 3.48 -0.02
C GLN A 34 -0.43 3.61 0.37
N CYS A 35 -0.75 3.15 1.55
CA CYS A 35 -2.08 3.25 2.10
C CYS A 35 -2.29 4.64 2.69
N LEU A 36 -3.00 5.46 1.98
CA LEU A 36 -3.34 6.79 2.42
C LEU A 36 -4.80 6.80 2.74
C1 MAN B . -1.78 -0.45 11.96
C2 MAN B . -2.02 -1.54 13.03
C3 MAN B . -1.41 -1.09 14.36
C4 MAN B . -2.01 0.27 14.77
C5 MAN B . -1.79 1.31 13.66
C6 MAN B . -0.34 1.68 13.42
O2 MAN B . -1.40 -2.79 12.61
O3 MAN B . 0.00 -1.04 14.23
O4 MAN B . -3.39 0.10 14.98
O5 MAN B . -2.34 0.80 12.41
O6 MAN B . -0.21 2.47 12.23
H1 MAN B . -0.69 -0.30 11.92
H2 MAN B . -3.12 -1.64 13.15
H3 MAN B . -1.66 -1.83 15.14
H4 MAN B . -1.52 0.61 15.70
H5 MAN B . -2.37 2.21 13.88
H61 MAN B . 0.26 0.77 13.39
H62 MAN B . 0.01 2.28 14.27
HO3 MAN B . 0.21 -1.96 14.03
HO4 MAN B . -3.78 0.94 15.23
HO6 MAN B . 0.67 2.31 11.87
C1 MAN B . -2.21 -3.95 12.71
C2 MAN B . -2.74 -4.19 14.15
C3 MAN B . -1.69 -4.90 15.04
C4 MAN B . -0.32 -5.00 14.36
C5 MAN B . -0.43 -5.63 12.95
C6 MAN B . -0.57 -7.14 12.99
O2 MAN B . -3.85 -5.05 14.07
O3 MAN B . -2.18 -6.20 15.35
O4 MAN B . 0.37 -3.75 14.32
O5 MAN B . -1.60 -5.13 12.20
O6 MAN B . -0.83 -7.67 11.69
H1 MAN B . -3.11 -3.80 12.07
H2 MAN B . -3.03 -3.25 14.62
H3 MAN B . -1.61 -4.32 15.96
H4 MAN B . 0.29 -5.68 14.98
H5 MAN B . 0.45 -5.37 12.33
H61 MAN B . -1.41 -7.36 13.67
H62 MAN B . 0.34 -7.57 13.43
HO2 MAN B . -3.51 -5.85 13.64
HO3 MAN B . -3.07 -6.02 15.68
HO4 MAN B . 1.24 -3.95 13.96
HO6 MAN B . -1.49 -7.09 11.31
N THR A 1 -2.80 -6.59 6.70
CA THR A 1 -3.50 -5.34 6.65
C THR A 1 -2.52 -4.18 6.92
N GLN A 2 -2.17 -3.44 5.88
CA GLN A 2 -1.21 -2.38 5.96
C GLN A 2 -1.88 -1.13 6.57
N CYS A 3 -1.16 -0.42 7.40
CA CYS A 3 -1.75 0.72 8.08
C CYS A 3 -1.53 2.01 7.26
N HIS A 4 -2.17 3.09 7.68
CA HIS A 4 -2.04 4.42 7.07
C HIS A 4 -0.55 4.81 7.01
N TYR A 5 -0.08 5.22 5.83
CA TYR A 5 1.33 5.59 5.54
C TYR A 5 2.22 4.40 5.34
N GLY A 6 1.63 3.26 5.32
CA GLY A 6 2.36 2.07 5.04
C GLY A 6 2.33 1.74 3.58
N GLN A 7 3.27 0.94 3.14
CA GLN A 7 3.36 0.59 1.75
C GLN A 7 2.48 -0.60 1.44
N CYS A 8 1.42 -0.38 0.73
CA CYS A 8 0.57 -1.49 0.28
C CYS A 8 1.31 -2.21 -0.84
N GLY A 9 2.14 -1.48 -1.56
CA GLY A 9 3.01 -2.10 -2.48
C GLY A 9 2.67 -1.92 -3.92
N GLY A 10 3.71 -1.86 -4.69
CA GLY A 10 3.64 -1.80 -6.10
C GLY A 10 4.17 -3.07 -6.67
N ILE A 11 4.68 -3.01 -7.87
CA ILE A 11 5.25 -4.16 -8.57
C ILE A 11 6.34 -4.84 -7.73
N GLY A 12 6.15 -6.13 -7.47
CA GLY A 12 7.14 -6.91 -6.77
C GLY A 12 6.93 -7.01 -5.27
N TYR A 13 6.10 -6.15 -4.72
CA TYR A 13 5.89 -6.13 -3.29
C TYR A 13 4.95 -7.26 -2.89
N SER A 14 5.45 -8.21 -2.14
CA SER A 14 4.69 -9.35 -1.72
C SER A 14 4.36 -9.31 -0.22
N GLY A 15 4.37 -8.13 0.35
CA GLY A 15 4.05 -7.99 1.75
C GLY A 15 2.56 -7.76 1.97
N PRO A 16 2.18 -6.90 2.94
CA PRO A 16 0.78 -6.59 3.18
C PRO A 16 0.27 -5.61 2.13
N THR A 17 -0.34 -6.16 1.12
CA THR A 17 -0.84 -5.41 0.00
C THR A 17 -2.21 -4.78 0.27
N VAL A 18 -2.96 -5.35 1.20
CA VAL A 18 -4.28 -4.84 1.52
C VAL A 18 -4.19 -3.83 2.65
N CYS A 19 -4.74 -2.66 2.43
CA CYS A 19 -4.70 -1.59 3.40
C CYS A 19 -5.83 -1.74 4.43
N ALA A 20 -5.71 -1.06 5.55
CA ALA A 20 -6.70 -1.07 6.60
C ALA A 20 -7.93 -0.27 6.19
N SER A 21 -9.02 -0.49 6.89
CA SER A 21 -10.24 0.22 6.64
C SER A 21 -10.07 1.72 6.87
N GLY A 22 -10.30 2.49 5.85
CA GLY A 22 -10.13 3.90 5.95
C GLY A 22 -8.96 4.36 5.14
N THR A 23 -8.18 3.42 4.65
CA THR A 23 -7.05 3.74 3.83
C THR A 23 -7.20 3.07 2.47
N THR A 24 -6.70 3.72 1.46
CA THR A 24 -6.74 3.21 0.12
C THR A 24 -5.32 3.02 -0.41
N CYS A 25 -5.10 1.97 -1.17
CA CYS A 25 -3.79 1.72 -1.74
C CYS A 25 -3.61 2.63 -2.94
N GLN A 26 -2.80 3.64 -2.77
CA GLN A 26 -2.57 4.58 -3.82
C GLN A 26 -1.16 4.44 -4.35
N VAL A 27 -1.07 4.19 -5.62
CA VAL A 27 0.20 4.02 -6.29
C VAL A 27 0.88 5.36 -6.43
N LEU A 28 1.90 5.58 -5.65
CA LEU A 28 2.64 6.82 -5.69
C LEU A 28 3.71 6.69 -6.76
N ASN A 29 4.35 5.57 -6.75
CA ASN A 29 5.35 5.22 -7.71
C ASN A 29 5.08 3.76 -8.07
N PRO A 30 5.63 3.22 -9.17
CA PRO A 30 5.27 1.85 -9.64
C PRO A 30 5.57 0.75 -8.62
N TYR A 31 6.51 0.98 -7.72
CA TYR A 31 6.84 -0.01 -6.75
C TYR A 31 6.38 0.44 -5.36
N TYR A 32 6.27 1.74 -5.16
CA TYR A 32 5.83 2.26 -3.89
C TYR A 32 4.39 2.73 -3.97
N SER A 33 3.54 2.05 -3.30
CA SER A 33 2.17 2.43 -3.21
C SER A 33 1.89 2.54 -1.75
N GLN A 34 1.18 3.54 -1.34
CA GLN A 34 0.99 3.76 0.07
C GLN A 34 -0.49 3.75 0.41
N CYS A 35 -0.78 3.34 1.61
CA CYS A 35 -2.12 3.32 2.11
C CYS A 35 -2.49 4.70 2.66
N LEU A 36 -3.25 5.43 1.89
CA LEU A 36 -3.75 6.71 2.29
C LEU A 36 -5.21 6.58 2.52
C1 MAN B . -1.07 2.04 12.05
C2 MAN B . -1.91 2.55 13.25
C3 MAN B . -1.08 2.55 14.54
C4 MAN B . 0.16 3.40 14.34
C5 MAN B . 0.98 2.86 13.15
C6 MAN B . 1.59 1.47 13.38
O2 MAN B . -3.07 1.69 13.47
O3 MAN B . -0.74 1.22 14.92
O4 MAN B . -0.25 4.73 14.06
O5 MAN B . 0.16 2.81 11.95
O6 MAN B . 2.27 1.00 12.21
H1 MAN B . -0.81 1.00 12.32
H2 MAN B . -2.22 3.58 13.02
H3 MAN B . -1.69 3.00 15.34
H4 MAN B . 0.76 3.36 15.26
H5 MAN B . 1.79 3.58 12.95
H61 MAN B . 0.78 0.79 13.71
H62 MAN B . 2.29 1.55 14.21
HO3 MAN B . -0.23 1.24 15.73
HO4 MAN B . 0.55 5.27 14.01
HO6 MAN B . 3.10 1.49 12.15
C1 MAN B . -4.33 2.29 13.31
C2 MAN B . -5.40 1.25 13.69
C3 MAN B . -6.81 1.88 13.65
C4 MAN B . -6.91 2.95 12.55
C5 MAN B . -5.91 2.64 11.45
C6 MAN B . -5.98 3.59 10.27
O2 MAN B . -5.16 0.80 15.02
O3 MAN B . -7.11 2.45 14.92
O4 MAN B . -8.22 2.96 12.04
O5 MAN B . -4.54 2.75 11.97
O6 MAN B . -4.78 3.51 9.48
H1 MAN B . -4.42 3.14 14.00
H2 MAN B . -5.34 0.42 12.97
H3 MAN B . -7.49 1.06 13.42
H4 MAN B . -6.67 3.95 12.97
H5 MAN B . -5.98 1.60 11.08
H61 MAN B . -6.12 4.61 10.67
H62 MAN B . -6.86 3.34 9.65
HO2 MAN B . -5.31 1.56 15.58
HO3 MAN B . -6.56 3.23 15.04
HO4 MAN B . -8.83 3.19 12.77
HO6 MAN B . -4.09 3.81 10.10
N THR A 1 -2.86 -6.80 7.46
CA THR A 1 -3.48 -5.69 6.81
C THR A 1 -2.53 -4.48 6.96
N GLN A 2 -2.34 -3.73 5.88
CA GLN A 2 -1.40 -2.65 5.89
C GLN A 2 -1.99 -1.42 6.57
N CYS A 3 -1.16 -0.70 7.27
CA CYS A 3 -1.59 0.45 8.00
C CYS A 3 -1.33 1.73 7.23
N HIS A 4 -1.90 2.81 7.74
CA HIS A 4 -1.73 4.14 7.18
C HIS A 4 -0.24 4.53 7.18
N TYR A 5 0.23 5.00 6.02
CA TYR A 5 1.64 5.39 5.76
C TYR A 5 2.53 4.20 5.51
N GLY A 6 1.94 3.06 5.46
CA GLY A 6 2.67 1.87 5.14
C GLY A 6 2.58 1.60 3.67
N GLN A 7 3.43 0.73 3.19
CA GLN A 7 3.47 0.44 1.79
C GLN A 7 2.54 -0.70 1.48
N CYS A 8 1.46 -0.40 0.77
CA CYS A 8 0.56 -1.46 0.31
C CYS A 8 1.25 -2.19 -0.84
N GLY A 9 2.24 -1.54 -1.40
CA GLY A 9 3.09 -2.16 -2.33
C GLY A 9 2.70 -2.00 -3.75
N GLY A 10 3.71 -1.87 -4.55
CA GLY A 10 3.57 -1.81 -5.95
C GLY A 10 4.13 -3.07 -6.51
N ILE A 11 4.58 -3.02 -7.73
CA ILE A 11 5.16 -4.17 -8.38
C ILE A 11 6.38 -4.68 -7.58
N GLY A 12 6.31 -5.92 -7.15
CA GLY A 12 7.41 -6.53 -6.46
C GLY A 12 7.17 -6.71 -4.98
N TYR A 13 6.19 -6.02 -4.45
CA TYR A 13 5.95 -6.05 -3.03
C TYR A 13 4.89 -7.10 -2.69
N SER A 14 5.31 -8.15 -2.02
CA SER A 14 4.42 -9.23 -1.63
C SER A 14 4.12 -9.20 -0.12
N GLY A 15 4.28 -8.03 0.49
CA GLY A 15 4.02 -7.90 1.91
C GLY A 15 2.57 -7.54 2.18
N PRO A 16 2.29 -6.71 3.22
CA PRO A 16 0.94 -6.27 3.52
C PRO A 16 0.45 -5.38 2.41
N THR A 17 -0.34 -5.95 1.56
CA THR A 17 -0.78 -5.32 0.37
C THR A 17 -2.16 -4.69 0.51
N VAL A 18 -3.02 -5.31 1.28
CA VAL A 18 -4.35 -4.79 1.49
C VAL A 18 -4.35 -3.80 2.64
N CYS A 19 -4.68 -2.57 2.34
CA CYS A 19 -4.73 -1.50 3.33
C CYS A 19 -5.94 -1.67 4.23
N ALA A 20 -5.82 -1.18 5.46
CA ALA A 20 -6.93 -1.19 6.40
C ALA A 20 -8.06 -0.32 5.86
N SER A 21 -9.27 -0.73 6.12
CA SER A 21 -10.43 -0.01 5.66
C SER A 21 -10.40 1.43 6.18
N GLY A 22 -10.54 2.36 5.28
CA GLY A 22 -10.40 3.75 5.63
C GLY A 22 -9.15 4.33 5.01
N THR A 23 -8.24 3.48 4.59
CA THR A 23 -7.06 3.91 3.89
C THR A 23 -7.07 3.29 2.50
N THR A 24 -6.61 4.01 1.53
CA THR A 24 -6.61 3.53 0.18
C THR A 24 -5.20 3.30 -0.33
N CYS A 25 -5.00 2.24 -1.08
CA CYS A 25 -3.72 1.93 -1.66
C CYS A 25 -3.51 2.81 -2.87
N GLN A 26 -2.74 3.85 -2.71
CA GLN A 26 -2.51 4.76 -3.78
C GLN A 26 -1.15 4.55 -4.39
N VAL A 27 -1.15 4.36 -5.68
CA VAL A 27 0.06 4.12 -6.44
C VAL A 27 0.78 5.44 -6.65
N LEU A 28 1.75 5.70 -5.82
CA LEU A 28 2.53 6.91 -5.94
C LEU A 28 3.59 6.68 -6.99
N ASN A 29 4.17 5.52 -6.95
CA ASN A 29 5.15 5.07 -7.89
C ASN A 29 4.71 3.69 -8.31
N PRO A 30 5.17 3.14 -9.44
CA PRO A 30 4.77 1.79 -9.88
C PRO A 30 5.21 0.71 -8.88
N TYR A 31 6.24 1.00 -8.13
CA TYR A 31 6.71 0.05 -7.16
C TYR A 31 6.32 0.51 -5.74
N TYR A 32 6.17 1.80 -5.56
CA TYR A 32 5.77 2.31 -4.26
C TYR A 32 4.32 2.72 -4.23
N SER A 33 3.56 2.03 -3.48
CA SER A 33 2.18 2.38 -3.29
C SER A 33 1.96 2.45 -1.79
N GLN A 34 1.31 3.49 -1.32
CA GLN A 34 1.15 3.70 0.10
C GLN A 34 -0.33 3.73 0.47
N CYS A 35 -0.63 3.34 1.69
CA CYS A 35 -1.98 3.38 2.19
C CYS A 35 -2.29 4.75 2.77
N LEU A 36 -3.06 5.51 2.03
CA LEU A 36 -3.52 6.82 2.44
C LEU A 36 -5.00 6.73 2.73
C1 MAN B . -0.23 -0.36 11.91
C2 MAN B . 1.25 -0.55 11.48
C3 MAN B . 2.10 -1.08 12.64
C4 MAN B . 1.84 -0.25 13.86
C5 MAN B . 0.36 -0.40 14.29
C6 MAN B . -0.29 0.93 14.68
O2 MAN B . 1.80 0.71 11.01
O3 MAN B . 3.49 -0.97 12.32
O4 MAN B . 2.70 -0.70 14.89
O5 MAN B . -0.43 -0.98 13.19
O6 MAN B . -1.70 0.80 14.79
H1 MAN B . -0.38 0.71 12.09
H2 MAN B . 1.26 -1.29 10.67
H3 MAN B . 1.84 -2.12 12.86
H4 MAN B . 2.05 0.81 13.64
H5 MAN B . 0.25 -1.13 15.11
H61 MAN B . 0.03 1.71 13.98
H62 MAN B . 0.10 1.20 15.67
HO3 MAN B . 3.98 -1.23 13.11
HO4 MAN B . 2.56 -0.14 15.67
HO6 MAN B . -1.89 0.50 15.70
C1 MAN B . 2.85 0.57 10.11
C2 MAN B . 3.42 1.96 9.73
C3 MAN B . 4.20 1.88 8.42
C4 MAN B . 4.75 0.49 8.24
C5 MAN B . 3.58 -0.51 8.09
C6 MAN B . 3.95 -1.94 8.48
O2 MAN B . 4.28 2.41 10.75
O3 MAN B . 5.30 2.76 8.51
O4 MAN B . 5.58 0.48 7.09
O5 MAN B . 2.46 -0.11 8.93
O6 MAN B . 5.02 -2.45 7.69
H1 MAN B . 3.66 0.00 10.60
H2 MAN B . 2.58 2.65 9.61
H3 MAN B . 3.56 2.13 7.56
H4 MAN B . 5.34 0.24 9.13
H5 MAN B . 3.23 -0.50 7.04
H61 MAN B . 3.06 -2.55 8.32
H62 MAN B . 4.20 -1.98 9.55
HO2 MAN B . 3.76 2.45 11.56
HO3 MAN B . 5.71 2.55 9.35
HO4 MAN B . 6.24 1.17 7.25
HO6 MAN B . 5.10 -1.92 6.88
N THR A 1 -2.52 -7.07 7.03
CA THR A 1 -3.19 -5.86 6.61
C THR A 1 -2.21 -4.69 6.73
N GLN A 2 -2.26 -3.76 5.79
CA GLN A 2 -1.37 -2.63 5.82
C GLN A 2 -1.99 -1.49 6.59
N CYS A 3 -1.17 -0.74 7.25
CA CYS A 3 -1.60 0.37 8.07
C CYS A 3 -1.49 1.67 7.28
N HIS A 4 -2.05 2.72 7.82
CA HIS A 4 -2.00 4.05 7.22
C HIS A 4 -0.54 4.47 7.18
N TYR A 5 -0.11 4.96 6.01
CA TYR A 5 1.29 5.40 5.74
C TYR A 5 2.21 4.22 5.49
N GLY A 6 1.63 3.07 5.35
CA GLY A 6 2.41 1.91 5.02
C GLY A 6 2.34 1.65 3.55
N GLN A 7 3.25 0.85 3.06
CA GLN A 7 3.36 0.56 1.67
C GLN A 7 2.46 -0.61 1.32
N CYS A 8 1.38 -0.36 0.60
CA CYS A 8 0.51 -1.44 0.13
C CYS A 8 1.20 -2.15 -1.02
N GLY A 9 2.20 -1.50 -1.56
CA GLY A 9 3.05 -2.11 -2.50
C GLY A 9 2.70 -1.94 -3.93
N GLY A 10 3.73 -1.91 -4.72
CA GLY A 10 3.62 -1.87 -6.11
C GLY A 10 4.11 -3.16 -6.67
N ILE A 11 4.57 -3.12 -7.90
CA ILE A 11 5.05 -4.29 -8.63
C ILE A 11 6.07 -5.11 -7.81
N GLY A 12 5.67 -6.29 -7.41
CA GLY A 12 6.56 -7.19 -6.73
C GLY A 12 6.65 -7.04 -5.23
N TYR A 13 5.83 -6.21 -4.63
CA TYR A 13 5.84 -6.09 -3.18
C TYR A 13 5.11 -7.28 -2.54
N SER A 14 5.80 -8.01 -1.70
CA SER A 14 5.29 -9.22 -1.10
C SER A 14 4.92 -9.04 0.38
N GLY A 15 4.64 -7.83 0.79
CA GLY A 15 4.26 -7.58 2.17
C GLY A 15 2.76 -7.35 2.29
N PRO A 16 2.32 -6.53 3.25
CA PRO A 16 0.91 -6.20 3.43
C PRO A 16 0.39 -5.34 2.27
N THR A 17 -0.31 -5.96 1.39
CA THR A 17 -0.78 -5.33 0.19
C THR A 17 -2.22 -4.79 0.31
N VAL A 18 -2.93 -5.25 1.32
CA VAL A 18 -4.30 -4.82 1.53
C VAL A 18 -4.32 -3.77 2.62
N CYS A 19 -4.77 -2.58 2.28
CA CYS A 19 -4.82 -1.49 3.23
C CYS A 19 -5.94 -1.69 4.26
N ALA A 20 -5.85 -0.96 5.36
CA ALA A 20 -6.85 -1.00 6.39
C ALA A 20 -8.11 -0.28 5.92
N SER A 21 -9.22 -0.61 6.51
CA SER A 21 -10.46 0.02 6.17
C SER A 21 -10.41 1.51 6.52
N GLY A 22 -10.58 2.33 5.51
CA GLY A 22 -10.48 3.75 5.67
C GLY A 22 -9.26 4.30 4.98
N THR A 23 -8.33 3.43 4.66
CA THR A 23 -7.13 3.85 3.95
C THR A 23 -7.18 3.31 2.53
N THR A 24 -6.62 4.03 1.61
CA THR A 24 -6.62 3.63 0.23
C THR A 24 -5.21 3.43 -0.32
N CYS A 25 -5.00 2.34 -1.01
CA CYS A 25 -3.73 2.03 -1.64
C CYS A 25 -3.53 2.96 -2.82
N GLN A 26 -2.71 3.94 -2.66
CA GLN A 26 -2.46 4.88 -3.72
C GLN A 26 -1.08 4.69 -4.30
N VAL A 27 -1.05 4.43 -5.57
CA VAL A 27 0.18 4.23 -6.31
C VAL A 27 0.91 5.56 -6.44
N LEU A 28 2.02 5.67 -5.78
CA LEU A 28 2.84 6.87 -5.82
C LEU A 28 3.90 6.69 -6.90
N ASN A 29 4.39 5.50 -6.98
CA ASN A 29 5.35 5.09 -7.96
C ASN A 29 4.96 3.68 -8.32
N PRO A 30 5.40 3.11 -9.44
CA PRO A 30 4.99 1.76 -9.87
C PRO A 30 5.31 0.66 -8.83
N TYR A 31 6.30 0.91 -7.99
CA TYR A 31 6.67 -0.05 -6.98
C TYR A 31 6.30 0.43 -5.57
N TYR A 32 6.21 1.74 -5.41
CA TYR A 32 5.84 2.30 -4.13
C TYR A 32 4.40 2.78 -4.13
N SER A 33 3.60 2.14 -3.39
CA SER A 33 2.22 2.51 -3.25
C SER A 33 1.96 2.58 -1.77
N GLN A 34 1.30 3.61 -1.32
CA GLN A 34 1.10 3.79 0.09
C GLN A 34 -0.39 3.82 0.42
N CYS A 35 -0.72 3.32 1.59
CA CYS A 35 -2.07 3.35 2.06
C CYS A 35 -2.35 4.68 2.73
N LEU A 36 -3.06 5.52 2.01
CA LEU A 36 -3.49 6.78 2.52
C LEU A 36 -4.93 6.64 2.91
C1 MAN B . 0.04 1.35 11.85
C2 MAN B . -0.01 2.40 13.00
C3 MAN B . 1.37 2.55 13.67
C4 MAN B . 1.94 1.18 13.90
C5 MAN B . 2.24 0.50 12.55
C6 MAN B . 1.96 -1.01 12.55
O2 MAN B . -0.93 1.96 14.01
O3 MAN B . 1.26 3.20 14.94
O4 MAN B . 3.10 1.33 14.69
O5 MAN B . 1.42 1.09 11.49
O6 MAN B . 2.80 -1.70 13.48
H1 MAN B . -0.33 0.40 12.25
H2 MAN B . -0.31 3.36 12.56
H3 MAN B . 2.05 3.10 13.00
H4 MAN B . 1.17 0.62 14.45
H5 MAN B . 3.28 0.68 12.27
H61 MAN B . 2.13 -1.39 11.54
H62 MAN B . 0.90 -1.20 12.81
HO3 MAN B . 0.95 4.09 14.81
HO4 MAN B . 2.84 1.85 15.45
HO6 MAN B . 3.57 -2.00 12.99
C1 MAN B . -2.22 2.50 13.97
C2 MAN B . -2.99 1.99 15.18
C3 MAN B . -4.38 2.59 15.21
C4 MAN B . -5.11 2.31 13.87
C5 MAN B . -4.25 2.78 12.68
C6 MAN B . -4.10 4.30 12.58
O2 MAN B . -2.27 2.37 16.34
O3 MAN B . -4.27 3.99 15.48
O4 MAN B . -5.33 0.92 13.75
O5 MAN B . -2.93 2.19 12.76
O6 MAN B . -3.10 4.66 11.61
H1 MAN B . -2.17 3.59 14.06
H2 MAN B . -3.07 0.88 15.12
H3 MAN B . -4.93 2.11 16.02
H4 MAN B . -6.07 2.85 13.88
H5 MAN B . -4.69 2.41 11.74
H61 MAN B . -3.87 4.71 13.58
H62 MAN B . -5.04 4.74 12.26
HO2 MAN B . -1.41 1.96 16.22
HO3 MAN B . -3.77 4.03 16.31
HO4 MAN B . -5.83 0.78 12.94
HO6 MAN B . -3.15 5.60 11.43
N THR A 1 -2.85 -6.78 7.34
CA THR A 1 -3.46 -5.54 6.93
C THR A 1 -2.49 -4.38 7.16
N GLN A 2 -2.18 -3.64 6.11
CA GLN A 2 -1.23 -2.54 6.15
C GLN A 2 -1.91 -1.32 6.78
N CYS A 3 -1.14 -0.47 7.40
CA CYS A 3 -1.70 0.71 8.03
C CYS A 3 -1.46 1.96 7.22
N HIS A 4 -2.11 3.04 7.62
CA HIS A 4 -2.00 4.33 6.98
C HIS A 4 -0.54 4.75 6.98
N TYR A 5 -0.04 5.13 5.80
CA TYR A 5 1.36 5.58 5.54
C TYR A 5 2.30 4.40 5.32
N GLY A 6 1.74 3.22 5.31
CA GLY A 6 2.54 2.05 5.04
C GLY A 6 2.44 1.67 3.58
N GLN A 7 3.37 0.88 3.11
CA GLN A 7 3.41 0.51 1.71
C GLN A 7 2.47 -0.67 1.44
N CYS A 8 1.48 -0.44 0.58
CA CYS A 8 0.61 -1.51 0.13
C CYS A 8 1.31 -2.27 -0.99
N GLY A 9 2.34 -1.66 -1.52
CA GLY A 9 3.19 -2.31 -2.43
C GLY A 9 2.91 -2.07 -3.87
N GLY A 10 3.95 -2.05 -4.61
CA GLY A 10 3.90 -1.90 -6.01
C GLY A 10 4.36 -3.17 -6.64
N ILE A 11 4.88 -3.05 -7.83
CA ILE A 11 5.47 -4.18 -8.56
C ILE A 11 6.57 -4.86 -7.71
N GLY A 12 6.31 -6.07 -7.27
CA GLY A 12 7.31 -6.83 -6.56
C GLY A 12 7.00 -7.02 -5.08
N TYR A 13 6.25 -6.09 -4.50
CA TYR A 13 5.96 -6.16 -3.09
C TYR A 13 4.78 -7.10 -2.85
N SER A 14 5.02 -8.12 -2.08
CA SER A 14 4.03 -9.16 -1.88
C SER A 14 3.56 -9.28 -0.42
N GLY A 15 4.00 -8.36 0.42
CA GLY A 15 3.65 -8.38 1.83
C GLY A 15 2.24 -7.88 2.13
N PRO A 16 2.06 -6.91 3.04
CA PRO A 16 0.76 -6.36 3.34
C PRO A 16 0.28 -5.45 2.22
N THR A 17 -0.42 -6.05 1.29
CA THR A 17 -0.92 -5.35 0.15
C THR A 17 -2.34 -4.86 0.40
N VAL A 18 -2.95 -5.37 1.45
CA VAL A 18 -4.29 -4.98 1.83
C VAL A 18 -4.18 -3.88 2.86
N CYS A 19 -4.80 -2.77 2.59
CA CYS A 19 -4.74 -1.62 3.47
C CYS A 19 -5.82 -1.71 4.55
N ALA A 20 -5.67 -0.90 5.59
CA ALA A 20 -6.59 -0.87 6.72
C ALA A 20 -7.88 -0.18 6.33
N SER A 21 -8.89 -0.38 7.14
CA SER A 21 -10.20 0.18 6.94
C SER A 21 -10.17 1.72 6.86
N GLY A 22 -10.45 2.24 5.69
CA GLY A 22 -10.48 3.66 5.52
C GLY A 22 -9.30 4.17 4.73
N THR A 23 -8.33 3.31 4.53
CA THR A 23 -7.16 3.70 3.78
C THR A 23 -7.16 3.01 2.43
N THR A 24 -6.70 3.69 1.43
CA THR A 24 -6.71 3.17 0.11
C THR A 24 -5.30 3.07 -0.45
N CYS A 25 -5.02 1.98 -1.14
CA CYS A 25 -3.73 1.75 -1.74
C CYS A 25 -3.56 2.67 -2.93
N GLN A 26 -2.77 3.71 -2.77
CA GLN A 26 -2.57 4.65 -3.83
C GLN A 26 -1.18 4.54 -4.40
N VAL A 27 -1.10 4.56 -5.70
CA VAL A 27 0.13 4.44 -6.41
C VAL A 27 0.84 5.78 -6.46
N LEU A 28 1.90 5.88 -5.73
CA LEU A 28 2.70 7.07 -5.75
C LEU A 28 3.76 6.89 -6.82
N ASN A 29 4.35 5.73 -6.81
CA ASN A 29 5.34 5.33 -7.78
C ASN A 29 4.94 3.93 -8.22
N PRO A 30 5.47 3.40 -9.34
CA PRO A 30 5.13 2.03 -9.80
C PRO A 30 5.40 0.96 -8.73
N TYR A 31 6.47 1.16 -7.98
CA TYR A 31 6.86 0.19 -6.95
C TYR A 31 6.43 0.69 -5.58
N TYR A 32 6.30 1.99 -5.42
CA TYR A 32 5.90 2.47 -4.14
C TYR A 32 4.44 2.88 -4.16
N SER A 33 3.66 2.17 -3.47
CA SER A 33 2.29 2.45 -3.36
C SER A 33 1.99 2.45 -1.87
N GLN A 34 1.30 3.45 -1.41
CA GLN A 34 1.10 3.64 0.00
C GLN A 34 -0.38 3.64 0.33
N CYS A 35 -0.71 3.19 1.50
CA CYS A 35 -2.06 3.18 1.98
C CYS A 35 -2.42 4.55 2.54
N LEU A 36 -3.17 5.31 1.77
CA LEU A 36 -3.67 6.60 2.16
C LEU A 36 -5.13 6.48 2.45
C1 MAN B . -1.11 -0.05 12.15
C2 MAN B . -1.53 -1.04 13.24
C3 MAN B . -0.65 -0.87 14.48
C4 MAN B . -0.82 0.57 14.98
C5 MAN B . -0.45 1.58 13.87
C6 MAN B . 1.04 1.59 13.51
O2 MAN B . -1.39 -2.39 12.74
O3 MAN B . 0.70 -1.15 14.15
O4 MAN B . -2.18 0.78 15.32
O5 MAN B . -1.22 1.30 12.67
O6 MAN B . 1.81 2.21 14.54
H1 MAN B . -0.03 -0.21 11.99
H2 MAN B . -2.57 -0.83 13.51
H3 MAN B . -0.99 -1.56 15.26
H4 MAN B . -0.16 0.73 15.85
H5 MAN B . -0.77 2.59 14.14
H61 MAN B . 1.18 2.10 12.54
H62 MAN B . 1.39 0.55 13.38
HO3 MAN B . 0.71 -2.05 13.83
HO4 MAN B . -2.41 0.12 16.00
HO6 MAN B . 2.75 2.05 14.36
C1 MAN B . -2.61 -3.09 12.60
C2 MAN B . -2.31 -4.49 11.99
C3 MAN B . -3.40 -4.86 10.98
C4 MAN B . -4.74 -4.50 11.57
C5 MAN B . -4.86 -2.97 11.63
C6 MAN B . -5.69 -2.46 12.80
O2 MAN B . -2.27 -5.48 13.02
O3 MAN B . -3.37 -6.25 10.70
O4 MAN B . -5.75 -5.03 10.75
O5 MAN B . -3.52 -2.38 11.76
O6 MAN B . -5.07 -2.80 14.04
H1 MAN B . -3.09 -3.20 13.58
H2 MAN B . -1.34 -4.43 11.48
H3 MAN B . -3.24 -4.27 10.06
H4 MAN B . -4.81 -4.90 12.59
H5 MAN B . -5.30 -2.63 10.69
H61 MAN B . -6.67 -2.94 12.72
H62 MAN B . -5.82 -1.38 12.71
HO2 MAN B . -1.62 -5.18 13.67
HO3 MAN B . -3.46 -6.70 11.54
HO4 MAN B . -5.59 -5.99 10.72
HO6 MAN B . -4.83 -1.98 14.49
N THR A 1 -2.53 -6.68 7.14
CA THR A 1 -3.22 -5.44 6.84
C THR A 1 -2.26 -4.27 6.97
N GLN A 2 -2.19 -3.43 5.95
CA GLN A 2 -1.29 -2.31 5.95
C GLN A 2 -1.98 -1.07 6.51
N CYS A 3 -1.31 -0.33 7.35
CA CYS A 3 -1.91 0.85 7.96
C CYS A 3 -1.67 2.10 7.12
N HIS A 4 -2.20 3.21 7.59
CA HIS A 4 -2.08 4.50 6.95
C HIS A 4 -0.60 4.90 6.91
N TYR A 5 -0.13 5.27 5.72
CA TYR A 5 1.28 5.69 5.44
C TYR A 5 2.22 4.50 5.35
N GLY A 6 1.64 3.33 5.33
CA GLY A 6 2.41 2.13 5.12
C GLY A 6 2.36 1.75 3.66
N GLN A 7 3.25 0.88 3.25
CA GLN A 7 3.35 0.52 1.85
C GLN A 7 2.46 -0.66 1.53
N CYS A 8 1.42 -0.43 0.76
CA CYS A 8 0.60 -1.53 0.27
C CYS A 8 1.37 -2.24 -0.83
N GLY A 9 2.28 -1.52 -1.44
CA GLY A 9 3.18 -2.14 -2.35
C GLY A 9 2.82 -1.97 -3.79
N GLY A 10 3.83 -1.91 -4.59
CA GLY A 10 3.70 -1.81 -5.99
C GLY A 10 4.13 -3.09 -6.62
N ILE A 11 4.56 -3.02 -7.85
CA ILE A 11 5.02 -4.18 -8.59
C ILE A 11 6.26 -4.80 -7.90
N GLY A 12 6.10 -5.98 -7.35
CA GLY A 12 7.21 -6.67 -6.73
C GLY A 12 7.06 -6.82 -5.23
N TYR A 13 6.16 -6.06 -4.64
CA TYR A 13 5.94 -6.14 -3.20
C TYR A 13 4.93 -7.25 -2.92
N SER A 14 5.25 -8.11 -2.00
CA SER A 14 4.41 -9.26 -1.71
C SER A 14 3.98 -9.33 -0.24
N GLY A 15 4.24 -8.27 0.50
CA GLY A 15 3.87 -8.22 1.90
C GLY A 15 2.40 -7.85 2.10
N PRO A 16 2.08 -6.92 3.01
CA PRO A 16 0.71 -6.50 3.24
C PRO A 16 0.24 -5.57 2.13
N THR A 17 -0.36 -6.15 1.12
CA THR A 17 -0.82 -5.43 -0.03
C THR A 17 -2.25 -4.91 0.13
N VAL A 18 -2.87 -5.28 1.23
CA VAL A 18 -4.22 -4.86 1.51
C VAL A 18 -4.20 -3.82 2.63
N CYS A 19 -4.74 -2.68 2.35
CA CYS A 19 -4.77 -1.59 3.30
C CYS A 19 -5.87 -1.79 4.34
N ALA A 20 -5.72 -1.14 5.48
CA ALA A 20 -6.69 -1.18 6.54
C ALA A 20 -7.88 -0.35 6.18
N SER A 21 -8.99 -0.65 6.79
CA SER A 21 -10.21 0.06 6.57
C SER A 21 -10.05 1.54 6.90
N GLY A 22 -10.29 2.35 5.91
CA GLY A 22 -10.12 3.77 6.04
C GLY A 22 -8.96 4.25 5.20
N THR A 23 -8.16 3.33 4.69
CA THR A 23 -7.02 3.70 3.87
C THR A 23 -7.11 3.06 2.50
N THR A 24 -6.67 3.77 1.50
CA THR A 24 -6.69 3.32 0.13
C THR A 24 -5.27 3.11 -0.41
N CYS A 25 -5.08 2.07 -1.19
CA CYS A 25 -3.79 1.79 -1.77
C CYS A 25 -3.58 2.69 -2.97
N GLN A 26 -2.76 3.67 -2.83
CA GLN A 26 -2.50 4.61 -3.88
C GLN A 26 -1.11 4.42 -4.42
N VAL A 27 -1.02 4.42 -5.71
CA VAL A 27 0.23 4.24 -6.41
C VAL A 27 0.96 5.56 -6.48
N LEU A 28 1.97 5.71 -5.65
CA LEU A 28 2.78 6.92 -5.62
C LEU A 28 3.92 6.78 -6.60
N ASN A 29 4.35 5.56 -6.73
CA ASN A 29 5.40 5.14 -7.64
C ASN A 29 4.99 3.75 -8.09
N PRO A 30 5.50 3.22 -9.22
CA PRO A 30 5.07 1.90 -9.72
C PRO A 30 5.43 0.78 -8.76
N TYR A 31 6.41 1.03 -7.91
CA TYR A 31 6.83 0.04 -6.97
C TYR A 31 6.46 0.45 -5.55
N TYR A 32 6.32 1.74 -5.30
CA TYR A 32 5.90 2.20 -4.00
C TYR A 32 4.45 2.64 -4.03
N SER A 33 3.63 1.94 -3.36
CA SER A 33 2.26 2.32 -3.24
C SER A 33 1.96 2.39 -1.77
N GLN A 34 1.20 3.37 -1.35
CA GLN A 34 0.99 3.61 0.04
C GLN A 34 -0.49 3.64 0.37
N CYS A 35 -0.82 3.26 1.57
CA CYS A 35 -2.18 3.29 2.06
C CYS A 35 -2.50 4.66 2.64
N LEU A 36 -3.25 5.42 1.90
CA LEU A 36 -3.68 6.73 2.33
C LEU A 36 -5.12 6.69 2.68
C1 MAN B . -1.16 0.62 12.07
C2 MAN B . -0.87 -0.36 13.23
C3 MAN B . -1.11 0.32 14.59
C4 MAN B . -0.61 1.73 14.56
C5 MAN B . -1.46 2.55 13.57
C6 MAN B . -0.68 3.66 12.86
O2 MAN B . 0.51 -0.81 13.15
O3 MAN B . -0.44 -0.37 15.64
O4 MAN B . -0.73 2.23 15.89
O5 MAN B . -2.04 1.68 12.55
O6 MAN B . -0.11 4.59 13.80
H1 MAN B . -0.19 1.08 11.82
H2 MAN B . -1.55 -1.21 13.11
H3 MAN B . -2.19 0.33 14.78
H4 MAN B . 0.45 1.72 14.25
H5 MAN B . -2.29 3.00 14.13
H61 MAN B . -1.38 4.19 12.20
H62 MAN B . 0.11 3.23 12.23
HO3 MAN B . -0.81 -1.25 15.69
HO4 MAN B . -0.25 1.58 16.41
HO6 MAN B . -0.45 5.48 13.64
C1 MAN B . 0.74 -2.13 13.56
C2 MAN B . 2.24 -2.47 13.45
C3 MAN B . 2.66 -2.43 11.98
C4 MAN B . 1.79 -3.36 11.15
C5 MAN B . 0.30 -3.04 11.38
C6 MAN B . -0.59 -4.09 10.75
O2 MAN B . 2.47 -3.78 13.95
O3 MAN B . 4.00 -2.89 11.87
O4 MAN B . 2.13 -3.22 9.79
O5 MAN B . -0.01 -3.07 12.79
O6 MAN B . -0.40 -5.34 11.41
H1 MAN B . 0.44 -2.25 14.62
H2 MAN B . 2.83 -1.73 14.00
H3 MAN B . 2.56 -1.40 11.61
H4 MAN B . 1.98 -4.40 11.46
H5 MAN B . 0.08 -2.06 10.93
H61 MAN B . -0.34 -4.16 9.69
H62 MAN B . -1.64 -3.76 10.82
HO2 MAN B . 1.90 -4.38 13.46
HO3 MAN B . 4.25 -2.85 10.94
HO4 MAN B . 2.00 -2.29 9.53
HO6 MAN B . -0.98 -5.34 12.19
N THR A 1 -2.88 -6.85 6.61
CA THR A 1 -3.50 -5.55 6.45
C THR A 1 -2.44 -4.46 6.68
N GLN A 2 -2.31 -3.57 5.74
CA GLN A 2 -1.31 -2.52 5.81
C GLN A 2 -1.86 -1.32 6.57
N CYS A 3 -0.99 -0.68 7.31
CA CYS A 3 -1.36 0.45 8.14
C CYS A 3 -1.35 1.73 7.31
N HIS A 4 -1.91 2.80 7.87
CA HIS A 4 -1.96 4.10 7.22
C HIS A 4 -0.51 4.61 7.11
N TYR A 5 -0.14 5.05 5.90
CA TYR A 5 1.23 5.53 5.56
C TYR A 5 2.21 4.38 5.46
N GLY A 6 1.65 3.20 5.35
CA GLY A 6 2.44 2.04 5.13
C GLY A 6 2.41 1.70 3.66
N GLN A 7 3.33 0.89 3.23
CA GLN A 7 3.43 0.55 1.84
C GLN A 7 2.54 -0.64 1.51
N CYS A 8 1.47 -0.41 0.79
CA CYS A 8 0.62 -1.50 0.35
C CYS A 8 1.29 -2.24 -0.79
N GLY A 9 2.30 -1.61 -1.36
CA GLY A 9 3.15 -2.28 -2.29
C GLY A 9 2.80 -2.10 -3.72
N GLY A 10 3.84 -1.96 -4.51
CA GLY A 10 3.72 -1.87 -5.91
C GLY A 10 4.21 -3.14 -6.52
N ILE A 11 4.65 -3.06 -7.74
CA ILE A 11 5.15 -4.20 -8.48
C ILE A 11 6.35 -4.85 -7.75
N GLY A 12 6.17 -6.10 -7.33
CA GLY A 12 7.26 -6.82 -6.71
C GLY A 12 7.13 -6.92 -5.20
N TYR A 13 6.25 -6.15 -4.63
CA TYR A 13 6.06 -6.17 -3.19
C TYR A 13 5.13 -7.31 -2.81
N SER A 14 5.56 -8.13 -1.88
CA SER A 14 4.79 -9.29 -1.46
C SER A 14 4.33 -9.19 0.00
N GLY A 15 4.50 -8.01 0.57
CA GLY A 15 4.07 -7.78 1.94
C GLY A 15 2.58 -7.52 2.05
N PRO A 16 2.11 -6.71 3.03
CA PRO A 16 0.69 -6.39 3.19
C PRO A 16 0.20 -5.50 2.05
N THR A 17 -0.51 -6.10 1.14
CA THR A 17 -0.97 -5.45 -0.03
C THR A 17 -2.41 -4.89 0.10
N VAL A 18 -3.05 -5.19 1.21
CA VAL A 18 -4.41 -4.73 1.45
C VAL A 18 -4.39 -3.70 2.58
N CYS A 19 -4.82 -2.50 2.29
CA CYS A 19 -4.82 -1.42 3.27
C CYS A 19 -5.93 -1.57 4.30
N ALA A 20 -5.72 -0.99 5.47
CA ALA A 20 -6.68 -0.99 6.56
C ALA A 20 -7.94 -0.24 6.18
N SER A 21 -9.02 -0.50 6.89
CA SER A 21 -10.27 0.14 6.64
C SER A 21 -10.16 1.63 6.94
N GLY A 22 -10.39 2.42 5.92
CA GLY A 22 -10.26 3.84 6.06
C GLY A 22 -9.06 4.37 5.31
N THR A 23 -8.38 3.49 4.59
CA THR A 23 -7.22 3.91 3.78
C THR A 23 -7.32 3.33 2.37
N THR A 24 -6.66 3.95 1.44
CA THR A 24 -6.65 3.50 0.07
C THR A 24 -5.23 3.21 -0.40
N CYS A 25 -5.06 2.17 -1.16
CA CYS A 25 -3.77 1.82 -1.70
C CYS A 25 -3.54 2.63 -2.95
N GLN A 26 -2.82 3.71 -2.82
CA GLN A 26 -2.59 4.57 -3.93
C GLN A 26 -1.19 4.39 -4.47
N VAL A 27 -1.12 4.23 -5.76
CA VAL A 27 0.14 4.05 -6.45
C VAL A 27 0.81 5.40 -6.62
N LEU A 28 1.77 5.67 -5.77
CA LEU A 28 2.51 6.91 -5.83
C LEU A 28 3.60 6.75 -6.86
N ASN A 29 4.20 5.59 -6.86
CA ASN A 29 5.21 5.21 -7.79
C ASN A 29 4.91 3.77 -8.17
N PRO A 30 5.46 3.21 -9.27
CA PRO A 30 5.09 1.85 -9.74
C PRO A 30 5.45 0.76 -8.72
N TYR A 31 6.43 1.03 -7.90
CA TYR A 31 6.83 0.07 -6.92
C TYR A 31 6.43 0.52 -5.52
N TYR A 32 6.27 1.82 -5.33
CA TYR A 32 5.84 2.30 -4.05
C TYR A 32 4.38 2.69 -4.09
N SER A 33 3.58 1.98 -3.40
CA SER A 33 2.19 2.30 -3.26
C SER A 33 1.93 2.41 -1.78
N GLN A 34 1.19 3.41 -1.37
CA GLN A 34 1.00 3.66 0.05
C GLN A 34 -0.47 3.70 0.39
N CYS A 35 -0.78 3.31 1.60
CA CYS A 35 -2.11 3.37 2.10
C CYS A 35 -2.41 4.76 2.63
N LEU A 36 -3.15 5.52 1.86
CA LEU A 36 -3.56 6.84 2.22
C LEU A 36 -5.00 6.81 2.63
C1 MAN B . 0.48 1.60 11.75
C2 MAN B . 0.08 2.06 13.17
C3 MAN B . 1.21 1.78 14.16
C4 MAN B . 2.55 2.35 13.67
C5 MAN B . 2.85 1.87 12.24
C6 MAN B . 3.08 0.36 12.15
O2 MAN B . -1.05 1.27 13.57
O3 MAN B . 1.31 0.37 14.39
O4 MAN B . 2.49 3.78 13.68
O5 MAN B . 1.73 2.20 11.38
O6 MAN B . 2.95 -0.08 10.79
H1 MAN B . 0.63 0.52 11.86
H2 MAN B . -0.15 3.13 13.16
H3 MAN B . 0.93 2.27 15.10
H4 MAN B . 3.34 2.01 14.35
H5 MAN B . 3.70 2.40 11.80
H61 MAN B . 2.39 -0.15 12.84
H62 MAN B . 4.10 0.15 12.49
HO3 MAN B . 0.41 0.08 14.62
HO4 MAN B . 1.82 4.07 13.06
HO6 MAN B . 3.27 0.62 10.21
C1 MAN B . -2.18 1.98 14.00
C2 MAN B . -3.29 0.98 14.39
C3 MAN B . -4.67 1.62 14.27
C4 MAN B . -4.58 3.10 14.57
C5 MAN B . -3.68 3.79 13.52
C6 MAN B . -2.90 4.95 14.10
O2 MAN B . -3.10 0.52 15.73
O3 MAN B . -5.55 0.98 15.20
O4 MAN B . -5.90 3.66 14.55
O5 MAN B . -2.68 2.85 13.01
O6 MAN B . -2.00 4.50 15.12
H1 MAN B . -1.93 2.58 14.88
H2 MAN B . -3.23 0.12 13.70
H3 MAN B . -5.01 1.47 13.23
H4 MAN B . -4.14 3.23 15.57
H5 MAN B . -4.31 4.14 12.69
H61 MAN B . -3.62 5.68 14.51
H62 MAN B . -2.34 5.45 13.30
HO2 MAN B . -3.13 1.29 16.31
HO3 MAN B . -5.48 0.04 15.00
HO4 MAN B . -5.85 4.59 14.81
HO6 MAN B . -1.22 5.06 15.07
N THR A 1 -2.57 -6.63 7.26
CA THR A 1 -3.23 -5.50 6.65
C THR A 1 -2.33 -4.28 6.84
N GLN A 2 -2.11 -3.52 5.78
CA GLN A 2 -1.16 -2.43 5.81
C GLN A 2 -1.72 -1.20 6.53
N CYS A 3 -0.83 -0.51 7.21
CA CYS A 3 -1.15 0.66 8.00
C CYS A 3 -1.21 1.91 7.15
N HIS A 4 -1.81 2.95 7.70
CA HIS A 4 -1.94 4.24 7.04
C HIS A 4 -0.54 4.82 6.96
N TYR A 5 -0.12 5.20 5.74
CA TYR A 5 1.25 5.70 5.42
C TYR A 5 2.23 4.56 5.20
N GLY A 6 1.73 3.36 5.30
CA GLY A 6 2.53 2.21 5.04
C GLY A 6 2.48 1.86 3.58
N GLN A 7 3.29 0.93 3.17
CA GLN A 7 3.39 0.57 1.79
C GLN A 7 2.49 -0.60 1.47
N CYS A 8 1.43 -0.36 0.73
CA CYS A 8 0.57 -1.45 0.28
C CYS A 8 1.27 -2.16 -0.87
N GLY A 9 2.25 -1.48 -1.41
CA GLY A 9 3.12 -2.10 -2.36
C GLY A 9 2.74 -1.92 -3.78
N GLY A 10 3.74 -1.85 -4.56
CA GLY A 10 3.63 -1.78 -5.96
C GLY A 10 4.17 -3.05 -6.53
N ILE A 11 4.65 -2.99 -7.75
CA ILE A 11 5.22 -4.13 -8.45
C ILE A 11 6.28 -4.84 -7.58
N GLY A 12 6.14 -6.13 -7.42
CA GLY A 12 7.13 -6.91 -6.71
C GLY A 12 6.90 -7.02 -5.22
N TYR A 13 6.11 -6.12 -4.66
CA TYR A 13 5.86 -6.14 -3.23
C TYR A 13 4.85 -7.23 -2.91
N SER A 14 5.19 -8.10 -2.02
CA SER A 14 4.36 -9.23 -1.71
C SER A 14 4.01 -9.27 -0.23
N GLY A 15 4.24 -8.17 0.46
CA GLY A 15 3.89 -8.07 1.86
C GLY A 15 2.42 -7.73 2.04
N PRO A 16 2.09 -6.85 3.00
CA PRO A 16 0.71 -6.43 3.21
C PRO A 16 0.26 -5.49 2.09
N THR A 17 -0.39 -6.05 1.13
CA THR A 17 -0.82 -5.36 -0.03
C THR A 17 -2.21 -4.74 0.13
N VAL A 18 -2.96 -5.28 1.07
CA VAL A 18 -4.29 -4.76 1.36
C VAL A 18 -4.18 -3.78 2.52
N CYS A 19 -4.71 -2.59 2.33
CA CYS A 19 -4.65 -1.53 3.33
C CYS A 19 -5.78 -1.68 4.34
N ALA A 20 -5.66 -0.98 5.44
CA ALA A 20 -6.66 -0.97 6.49
C ALA A 20 -7.97 -0.32 6.02
N SER A 21 -9.04 -0.64 6.69
CA SER A 21 -10.33 -0.10 6.36
C SER A 21 -10.35 1.40 6.63
N GLY A 22 -10.53 2.15 5.59
CA GLY A 22 -10.52 3.58 5.68
C GLY A 22 -9.32 4.17 5.00
N THR A 23 -8.41 3.32 4.59
CA THR A 23 -7.23 3.77 3.90
C THR A 23 -7.23 3.18 2.49
N THR A 24 -6.68 3.89 1.53
CA THR A 24 -6.65 3.41 0.17
C THR A 24 -5.24 3.22 -0.33
N CYS A 25 -5.03 2.16 -1.04
CA CYS A 25 -3.74 1.86 -1.62
C CYS A 25 -3.53 2.72 -2.83
N GLN A 26 -2.83 3.79 -2.66
CA GLN A 26 -2.56 4.69 -3.72
C GLN A 26 -1.17 4.48 -4.22
N VAL A 27 -1.09 4.12 -5.47
CA VAL A 27 0.15 3.89 -6.14
C VAL A 27 0.85 5.24 -6.32
N LEU A 28 1.90 5.44 -5.59
CA LEU A 28 2.65 6.67 -5.68
C LEU A 28 3.64 6.50 -6.81
N ASN A 29 4.44 5.49 -6.68
CA ASN A 29 5.40 5.07 -7.68
C ASN A 29 4.95 3.69 -8.09
N PRO A 30 5.39 3.16 -9.23
CA PRO A 30 4.96 1.82 -9.67
C PRO A 30 5.34 0.72 -8.68
N TYR A 31 6.37 0.97 -7.88
CA TYR A 31 6.80 -0.01 -6.89
C TYR A 31 6.44 0.42 -5.47
N TYR A 32 6.33 1.72 -5.25
CA TYR A 32 5.94 2.19 -3.95
C TYR A 32 4.50 2.67 -3.97
N SER A 33 3.65 2.01 -3.27
CA SER A 33 2.28 2.42 -3.15
C SER A 33 2.00 2.58 -1.67
N GLN A 34 1.25 3.58 -1.29
CA GLN A 34 1.03 3.89 0.09
C GLN A 34 -0.44 3.86 0.44
N CYS A 35 -0.74 3.43 1.63
CA CYS A 35 -2.09 3.40 2.12
C CYS A 35 -2.47 4.76 2.69
N LEU A 36 -3.24 5.50 1.94
CA LEU A 36 -3.73 6.77 2.37
C LEU A 36 -5.20 6.64 2.69
C1 MAN B . -1.18 0.24 11.52
C2 MAN B . -1.35 -0.61 12.82
C3 MAN B . -2.65 -0.20 13.56
C4 MAN B . -2.82 1.29 13.48
C5 MAN B . -3.02 1.73 12.02
C6 MAN B . -2.35 3.06 11.75
O2 MAN B . -0.20 -0.40 13.68
O3 MAN B . -2.59 -0.56 14.93
O4 MAN B . -3.95 1.64 14.25
O5 MAN B . -2.45 0.74 11.11
O6 MAN B . -2.33 3.39 10.37
H1 MAN B . -0.61 1.13 11.80
H2 MAN B . -1.42 -1.67 12.53
H3 MAN B . -3.52 -0.69 13.08
H4 MAN B . -1.92 1.77 13.88
H5 MAN B . -4.09 1.80 11.76
H61 MAN B . -1.33 3.06 12.17
H62 MAN B . -2.90 3.85 12.27
HO3 MAN B . -3.37 -0.18 15.36
HO4 MAN B . -4.70 1.18 13.87
HO6 MAN B . -2.04 4.32 10.35
C1 MAN B . 1.00 -1.00 13.26
C2 MAN B . 0.88 -2.56 13.27
C3 MAN B . 2.29 -3.19 13.36
C4 MAN B . 3.30 -2.28 12.74
C5 MAN B . 3.37 -0.95 13.53
C6 MAN B . 3.78 0.23 12.67
O2 MAN B . 0.23 -3.03 12.10
O3 MAN B . 2.32 -4.42 12.64
O4 MAN B . 4.55 -2.94 12.76
O5 MAN B . 2.06 -0.63 14.10
O6 MAN B . 2.84 0.43 11.60
H1 MAN B . 1.26 -0.67 12.25
H2 MAN B . 0.32 -2.86 14.16
H3 MAN B . 2.54 -3.34 14.41
H4 MAN B . 3.01 -2.07 11.69
H5 MAN B . 4.10 -1.07 14.36
H61 MAN B . 4.79 0.03 12.28
H62 MAN B . 3.83 1.13 13.28
HO2 MAN B . 0.24 -4.00 12.20
HO3 MAN B . 1.69 -5.03 13.07
HO4 MAN B . 4.40 -3.78 12.30
HO6 MAN B . 2.41 1.28 11.75
N THR A 1 -2.57 -6.72 7.51
CA THR A 1 -3.24 -5.54 7.02
C THR A 1 -2.24 -4.38 7.03
N GLN A 2 -2.23 -3.58 5.99
CA GLN A 2 -1.31 -2.46 5.93
C GLN A 2 -1.90 -1.25 6.62
N CYS A 3 -1.08 -0.55 7.32
CA CYS A 3 -1.46 0.60 8.09
C CYS A 3 -1.38 1.87 7.23
N HIS A 4 -1.84 2.98 7.79
CA HIS A 4 -1.79 4.25 7.11
C HIS A 4 -0.33 4.67 6.99
N TYR A 5 0.07 5.10 5.79
CA TYR A 5 1.47 5.48 5.47
C TYR A 5 2.37 4.27 5.35
N GLY A 6 1.76 3.14 5.23
CA GLY A 6 2.48 1.93 5.00
C GLY A 6 2.42 1.59 3.53
N GLN A 7 3.34 0.77 3.08
CA GLN A 7 3.40 0.45 1.69
C GLN A 7 2.48 -0.72 1.36
N CYS A 8 1.44 -0.47 0.59
CA CYS A 8 0.56 -1.53 0.13
C CYS A 8 1.22 -2.23 -1.04
N GLY A 9 2.27 -1.60 -1.54
CA GLY A 9 3.13 -2.20 -2.48
C GLY A 9 2.76 -2.00 -3.91
N GLY A 10 3.77 -1.78 -4.68
CA GLY A 10 3.66 -1.70 -6.09
C GLY A 10 4.21 -2.98 -6.65
N ILE A 11 4.68 -2.91 -7.87
CA ILE A 11 5.25 -4.06 -8.57
C ILE A 11 6.35 -4.73 -7.71
N GLY A 12 6.16 -6.00 -7.40
CA GLY A 12 7.17 -6.76 -6.70
C GLY A 12 6.96 -6.89 -5.19
N TYR A 13 6.11 -6.06 -4.64
CA TYR A 13 5.89 -6.08 -3.20
C TYR A 13 4.66 -6.94 -2.89
N SER A 14 4.84 -7.93 -2.05
CA SER A 14 3.78 -8.85 -1.74
C SER A 14 3.58 -8.98 -0.22
N GLY A 15 4.04 -7.98 0.54
CA GLY A 15 3.85 -7.97 1.99
C GLY A 15 2.42 -7.60 2.37
N PRO A 16 2.20 -6.69 3.33
CA PRO A 16 0.87 -6.23 3.66
C PRO A 16 0.35 -5.33 2.54
N THR A 17 -0.34 -5.91 1.62
CA THR A 17 -0.79 -5.23 0.44
C THR A 17 -2.20 -4.69 0.59
N VAL A 18 -2.95 -5.24 1.51
CA VAL A 18 -4.30 -4.82 1.70
C VAL A 18 -4.31 -3.75 2.76
N CYS A 19 -4.79 -2.60 2.40
CA CYS A 19 -4.80 -1.48 3.30
C CYS A 19 -5.90 -1.64 4.35
N ALA A 20 -5.72 -0.98 5.46
CA ALA A 20 -6.69 -0.98 6.52
C ALA A 20 -7.99 -0.33 6.06
N SER A 21 -9.06 -0.72 6.67
CA SER A 21 -10.38 -0.21 6.37
C SER A 21 -10.38 1.31 6.60
N GLY A 22 -10.54 2.07 5.54
CA GLY A 22 -10.52 3.50 5.66
C GLY A 22 -9.25 4.10 5.08
N THR A 23 -8.41 3.27 4.49
CA THR A 23 -7.22 3.73 3.80
C THR A 23 -7.22 3.14 2.40
N THR A 24 -6.68 3.86 1.44
CA THR A 24 -6.66 3.38 0.07
C THR A 24 -5.24 3.19 -0.42
N CYS A 25 -5.03 2.13 -1.16
CA CYS A 25 -3.74 1.85 -1.76
C CYS A 25 -3.55 2.76 -2.95
N GLN A 26 -2.69 3.71 -2.81
CA GLN A 26 -2.42 4.65 -3.85
C GLN A 26 -1.05 4.41 -4.41
N VAL A 27 -0.98 4.23 -5.71
CA VAL A 27 0.26 4.01 -6.38
C VAL A 27 0.99 5.34 -6.51
N LEU A 28 1.94 5.56 -5.63
CA LEU A 28 2.68 6.81 -5.61
C LEU A 28 3.78 6.74 -6.66
N ASN A 29 4.40 5.60 -6.72
CA ASN A 29 5.42 5.27 -7.69
C ASN A 29 5.03 3.88 -8.18
N PRO A 30 5.54 3.39 -9.31
CA PRO A 30 5.15 2.07 -9.83
C PRO A 30 5.46 0.92 -8.85
N TYR A 31 6.48 1.10 -8.03
CA TYR A 31 6.83 0.07 -7.07
C TYR A 31 6.43 0.47 -5.65
N TYR A 32 6.32 1.76 -5.39
CA TYR A 32 5.89 2.19 -4.07
C TYR A 32 4.45 2.63 -4.10
N SER A 33 3.61 1.91 -3.45
CA SER A 33 2.24 2.29 -3.31
C SER A 33 1.99 2.37 -1.84
N GLN A 34 1.25 3.35 -1.41
CA GLN A 34 1.05 3.57 0.01
C GLN A 34 -0.41 3.66 0.35
N CYS A 35 -0.74 3.24 1.55
CA CYS A 35 -2.09 3.29 2.02
C CYS A 35 -2.39 4.65 2.64
N LEU A 36 -3.17 5.43 1.94
CA LEU A 36 -3.62 6.70 2.42
C LEU A 36 -5.11 6.61 2.62
C1 MAN B . 0.76 -0.20 11.54
C2 MAN B . 1.02 -1.21 12.71
C3 MAN B . 1.58 -0.45 13.93
C4 MAN B . 2.59 0.55 13.46
C5 MAN B . 1.87 1.65 12.66
C6 MAN B . 2.72 2.24 11.55
O2 MAN B . 1.99 -2.21 12.34
O3 MAN B . 2.24 -1.35 14.84
O4 MAN B . 3.27 1.11 14.58
O5 MAN B . 0.66 1.13 12.07
O6 MAN B . 3.84 2.96 12.07
H1 MAN B . 1.67 -0.19 10.91
H2 MAN B . 0.06 -1.67 12.98
H3 MAN B . 0.77 0.08 14.45
H4 MAN B . 3.32 0.04 12.81
H5 MAN B . 1.53 2.45 13.34
H61 MAN B . 2.07 2.92 10.96
H62 MAN B . 3.07 1.46 10.87
HO3 MAN B . 2.66 -0.79 15.49
HO4 MAN B . 3.92 1.69 14.19
HO6 MAN B . 4.50 3.04 11.37
C1 MAN B . 1.50 -3.44 11.86
C2 MAN B . 2.68 -4.39 11.68
C3 MAN B . 2.19 -5.75 11.25
C4 MAN B . 1.41 -5.61 9.93
C5 MAN B . 0.27 -4.58 10.08
C6 MAN B . -0.89 -5.06 10.96
O2 MAN B . 3.35 -4.50 12.92
O3 MAN B . 1.38 -6.30 12.27
O4 MAN B . 2.30 -5.19 8.90
O5 MAN B . 0.79 -3.32 10.63
O6 MAN B . -1.61 -6.15 10.33
H1 MAN B . 0.84 -3.89 12.61
H2 MAN B . 3.35 -3.98 10.92
H3 MAN B . 3.07 -6.39 11.09
H4 MAN B . 0.97 -6.57 9.65
H5 MAN B . -0.12 -4.31 9.09
H61 MAN B . -1.55 -4.21 11.16
H62 MAN B . -0.48 -5.41 11.92
HO2 MAN B . 3.60 -3.59 13.11
HO3 MAN B . 1.91 -6.30 13.08
HO4 MAN B . 2.93 -5.91 8.80
HO6 MAN B . -1.41 -6.96 10.81
#